data_1W3I
#
_entry.id   1W3I
#
_cell.length_a   83.682
_cell.length_b   130.988
_cell.length_c   132.293
_cell.angle_alpha   90.00
_cell.angle_beta   90.00
_cell.angle_gamma   90.00
#
_symmetry.space_group_name_H-M   'P 21 21 21'
#
loop_
_entity.id
_entity.type
_entity.pdbx_description
1 polymer '2-KETO-3-DEOXY GLUCONATE ALDOLASE'
2 non-polymer 'PYRUVIC ACID'
3 non-polymer GLYCEROL
4 water water
#
_entity_poly.entity_id   1
_entity_poly.type   'polypeptide(L)'
_entity_poly.pdbx_seq_one_letter_code
;PEIITPIITPFTKDNRIDKEKLKIHAENLIRKGIDKLFVNGTTGLGPSLSPEEKLENLKAVYDVTNKIIFQVGGLNLDDA
IRLAKLSKDFDIVGIASYAPYYYPRMSEKHLVKYFKTLCEVSPHPVYLYNYPTATGKDIDAKVAKEIGCFTGVKDTIENI
IHTLDYKRLNPNMLVYSGSDMLIATVASTGLDGNVAAGSNYLPEVTVTIKKLAMERKIDEALKLQFLHDEVIEASRIFGS
LSSNYVLTKYFQGYDLGYPRPPIFPLDDEEERQLIKKVEGIRAKLVELKILKE
;
_entity_poly.pdbx_strand_id   A,B,C,D
#
loop_
_chem_comp.id
_chem_comp.type
_chem_comp.name
_chem_comp.formula
GOL non-polymer GLYCEROL 'C3 H8 O3'
PYR non-polymer 'PYRUVIC ACID' 'C3 H4 O3'
#
# COMPACT_ATOMS: atom_id res chain seq x y z
N PRO A 1 10.50 -30.58 -10.11
CA PRO A 1 9.86 -29.29 -10.52
C PRO A 1 10.10 -28.97 -11.99
N GLU A 2 9.39 -27.96 -12.48
CA GLU A 2 9.38 -27.61 -13.90
C GLU A 2 9.75 -26.14 -14.10
N ILE A 3 10.25 -25.80 -15.28
CA ILE A 3 10.32 -24.39 -15.68
C ILE A 3 9.32 -24.28 -16.82
N ILE A 4 8.45 -23.27 -16.70
CA ILE A 4 7.41 -23.03 -17.70
C ILE A 4 7.68 -21.64 -18.23
N THR A 5 7.72 -21.47 -19.56
CA THR A 5 7.94 -20.14 -20.14
C THR A 5 6.62 -19.48 -20.48
N PRO A 6 6.39 -18.27 -19.96
CA PRO A 6 5.26 -17.46 -20.41
C PRO A 6 5.77 -16.81 -21.68
N ILE A 7 5.42 -17.43 -22.79
CA ILE A 7 6.08 -17.13 -24.06
C ILE A 7 5.72 -15.75 -24.58
N ILE A 8 6.73 -15.03 -25.04
CA ILE A 8 6.57 -13.71 -25.69
C ILE A 8 5.75 -13.87 -26.96
N THR A 9 4.86 -12.90 -27.21
CA THR A 9 4.16 -12.81 -28.48
C THR A 9 4.94 -11.85 -29.39
N PRO A 10 5.47 -12.35 -30.50
CA PRO A 10 6.15 -11.45 -31.43
C PRO A 10 5.15 -10.79 -32.37
N PHE A 11 5.30 -9.47 -32.56
CA PHE A 11 4.40 -8.76 -33.47
C PHE A 11 5.21 -8.25 -34.68
N THR A 12 4.54 -8.12 -35.80
CA THR A 12 5.14 -7.55 -37.02
C THR A 12 5.19 -6.03 -36.88
N LYS A 13 5.85 -5.37 -37.85
CA LYS A 13 5.88 -3.90 -37.88
C LYS A 13 4.49 -3.29 -37.94
N ASP A 14 3.55 -4.00 -38.55
CA ASP A 14 2.17 -3.50 -38.62
C ASP A 14 1.25 -4.06 -37.53
N ASN A 15 1.85 -4.50 -36.43
CA ASN A 15 1.07 -4.84 -35.22
C ASN A 15 0.13 -6.07 -35.35
N ARG A 16 0.58 -7.06 -36.13
CA ARG A 16 -0.09 -8.37 -36.19
C ARG A 16 0.84 -9.40 -35.52
N ILE A 17 0.29 -10.52 -35.04
CA ILE A 17 1.15 -11.59 -34.50
C ILE A 17 1.98 -12.18 -35.64
N ASP A 18 3.30 -12.28 -35.40
CA ASP A 18 4.21 -12.91 -36.35
C ASP A 18 4.31 -14.39 -36.02
N LYS A 19 3.43 -15.18 -36.63
CA LYS A 19 3.24 -16.57 -36.22
C LYS A 19 4.51 -17.38 -36.45
N GLU A 20 5.21 -17.08 -37.54
CA GLU A 20 6.42 -17.84 -37.87
C GLU A 20 7.54 -17.61 -36.87
N LYS A 21 7.69 -16.36 -36.41
CA LYS A 21 8.70 -16.04 -35.40
C LYS A 21 8.34 -16.71 -34.07
N LEU A 22 7.05 -16.75 -33.77
CA LEU A 22 6.57 -17.37 -32.53
C LEU A 22 6.89 -18.88 -32.53
N LYS A 23 6.73 -19.52 -33.69
CA LYS A 23 7.03 -20.94 -33.79
C LYS A 23 8.52 -21.25 -33.61
N ILE A 24 9.38 -20.39 -34.16
N ILE A 24 9.38 -20.38 -34.14
CA ILE A 24 10.85 -20.51 -33.99
CA ILE A 24 10.84 -20.53 -34.02
C ILE A 24 11.15 -20.50 -32.50
C ILE A 24 11.30 -20.38 -32.56
N HIS A 25 10.67 -19.45 -31.86
CA HIS A 25 10.88 -19.26 -30.43
C HIS A 25 10.39 -20.47 -29.63
N ALA A 26 9.18 -20.93 -29.91
CA ALA A 26 8.59 -22.02 -29.12
C ALA A 26 9.45 -23.28 -29.30
N GLU A 27 9.86 -23.53 -30.53
CA GLU A 27 10.70 -24.72 -30.78
C GLU A 27 12.03 -24.66 -30.03
N ASN A 28 12.66 -23.50 -30.03
CA ASN A 28 13.89 -23.35 -29.32
C ASN A 28 13.73 -23.60 -27.81
N LEU A 29 12.69 -23.00 -27.23
CA LEU A 29 12.45 -23.19 -25.80
C LEU A 29 12.31 -24.67 -25.45
N ILE A 30 11.48 -25.39 -26.21
CA ILE A 30 11.27 -26.80 -25.90
C ILE A 30 12.58 -27.57 -26.07
N ARG A 31 13.32 -27.27 -27.13
CA ARG A 31 14.56 -28.00 -27.37
C ARG A 31 15.63 -27.73 -26.33
N LYS A 32 15.50 -26.59 -25.64
CA LYS A 32 16.43 -26.24 -24.58
C LYS A 32 15.98 -26.67 -23.19
N GLY A 33 14.87 -27.42 -23.13
CA GLY A 33 14.47 -28.06 -21.90
C GLY A 33 13.36 -27.44 -21.10
N ILE A 34 12.74 -26.41 -21.65
CA ILE A 34 11.54 -25.87 -21.03
C ILE A 34 10.44 -26.92 -21.03
N ASP A 35 9.77 -27.09 -19.89
CA ASP A 35 8.75 -28.12 -19.76
C ASP A 35 7.44 -27.84 -20.41
N LYS A 36 6.95 -26.60 -20.33
CA LYS A 36 5.61 -26.26 -20.87
C LYS A 36 5.64 -24.80 -21.22
N LEU A 37 4.69 -24.39 -22.05
CA LEU A 37 4.62 -22.98 -22.48
C LEU A 37 3.28 -22.42 -22.02
N PHE A 38 3.34 -21.25 -21.40
CA PHE A 38 2.14 -20.57 -20.89
C PHE A 38 1.87 -19.47 -21.91
N VAL A 39 0.74 -19.60 -22.61
CA VAL A 39 0.49 -18.78 -23.78
C VAL A 39 -0.59 -17.75 -23.42
N ASN A 40 -0.34 -16.49 -23.82
CA ASN A 40 -1.21 -15.35 -23.55
C ASN A 40 -1.13 -14.91 -22.11
N GLY A 41 0.03 -15.12 -21.50
CA GLY A 41 0.24 -14.58 -20.15
C GLY A 41 0.67 -13.11 -20.19
N THR A 42 1.14 -12.61 -19.05
CA THR A 42 1.54 -11.19 -19.00
C THR A 42 2.69 -10.94 -19.97
N THR A 43 3.68 -11.81 -19.92
CA THR A 43 4.88 -11.66 -20.76
C THR A 43 4.52 -11.73 -22.24
N GLY A 44 3.46 -12.46 -22.55
CA GLY A 44 2.93 -12.58 -23.90
C GLY A 44 1.94 -11.48 -24.26
N LEU A 45 1.84 -10.48 -23.40
CA LEU A 45 0.89 -9.38 -23.58
C LEU A 45 -0.58 -9.81 -23.75
N GLY A 46 -0.97 -10.87 -23.04
CA GLY A 46 -2.32 -11.42 -23.11
C GLY A 46 -3.43 -10.35 -23.01
N PRO A 47 -3.36 -9.44 -22.03
CA PRO A 47 -4.39 -8.40 -21.91
C PRO A 47 -4.46 -7.47 -23.12
N SER A 48 -3.42 -7.45 -23.94
CA SER A 48 -3.41 -6.59 -25.13
C SER A 48 -3.97 -7.31 -26.37
N LEU A 49 -4.27 -8.60 -26.21
CA LEU A 49 -4.74 -9.44 -27.34
C LEU A 49 -6.24 -9.60 -27.36
N SER A 50 -6.80 -9.48 -28.57
CA SER A 50 -8.21 -9.78 -28.76
C SER A 50 -8.42 -11.29 -28.54
N PRO A 51 -9.65 -11.74 -28.31
CA PRO A 51 -9.92 -13.19 -28.25
C PRO A 51 -9.40 -13.96 -29.49
N GLU A 52 -9.61 -13.36 -30.67
CA GLU A 52 -9.16 -13.92 -31.93
C GLU A 52 -7.62 -14.05 -31.89
N GLU A 53 -6.92 -13.04 -31.38
CA GLU A 53 -5.46 -13.15 -31.28
C GLU A 53 -4.99 -14.19 -30.26
N LYS A 54 -5.70 -14.28 -29.14
CA LYS A 54 -5.40 -15.32 -28.14
C LYS A 54 -5.46 -16.71 -28.78
N LEU A 55 -6.49 -16.95 -29.58
CA LEU A 55 -6.58 -18.19 -30.33
C LEU A 55 -5.46 -18.39 -31.38
N GLU A 56 -5.09 -17.32 -32.10
CA GLU A 56 -4.01 -17.36 -33.11
C GLU A 56 -2.72 -17.81 -32.44
N ASN A 57 -2.47 -17.28 -31.24
CA ASN A 57 -1.29 -17.69 -30.50
C ASN A 57 -1.28 -19.18 -30.18
N LEU A 58 -2.40 -19.69 -29.69
CA LEU A 58 -2.50 -21.10 -29.33
C LEU A 58 -2.24 -21.94 -30.59
N LYS A 59 -2.87 -21.53 -31.70
CA LYS A 59 -2.73 -22.31 -32.95
C LYS A 59 -1.27 -22.36 -33.43
N ALA A 60 -0.56 -21.24 -33.32
CA ALA A 60 0.81 -21.16 -33.77
C ALA A 60 1.69 -22.03 -32.88
N VAL A 61 1.48 -21.94 -31.58
CA VAL A 61 2.38 -22.69 -30.68
C VAL A 61 2.06 -24.20 -30.77
N TYR A 62 0.79 -24.52 -31.01
CA TYR A 62 0.36 -25.92 -31.05
C TYR A 62 0.96 -26.67 -32.26
N ASP A 63 1.35 -25.90 -33.29
CA ASP A 63 2.05 -26.46 -34.46
C ASP A 63 3.44 -26.97 -34.05
N VAL A 64 3.94 -26.51 -32.90
CA VAL A 64 5.28 -26.88 -32.44
C VAL A 64 5.21 -27.92 -31.30
N THR A 65 4.31 -27.73 -30.34
CA THR A 65 4.23 -28.60 -29.18
C THR A 65 2.82 -28.62 -28.62
N ASN A 66 2.43 -29.69 -27.94
CA ASN A 66 1.16 -29.66 -27.22
C ASN A 66 1.35 -29.36 -25.74
N LYS A 67 2.59 -29.02 -25.36
CA LYS A 67 2.88 -28.76 -23.95
C LYS A 67 2.52 -27.32 -23.58
N ILE A 68 1.21 -27.07 -23.60
CA ILE A 68 0.68 -25.70 -23.54
C ILE A 68 -0.29 -25.54 -22.39
N ILE A 69 -0.12 -24.47 -21.62
CA ILE A 69 -1.23 -23.94 -20.82
C ILE A 69 -1.77 -22.69 -21.52
N PHE A 70 -3.05 -22.72 -21.89
CA PHE A 70 -3.67 -21.66 -22.68
C PHE A 70 -4.43 -20.66 -21.80
N GLN A 71 -3.91 -19.42 -21.71
CA GLN A 71 -4.54 -18.37 -20.92
C GLN A 71 -5.68 -17.72 -21.73
N VAL A 72 -6.87 -17.61 -21.13
CA VAL A 72 -8.09 -17.25 -21.86
C VAL A 72 -8.90 -16.11 -21.23
N GLY A 73 -8.44 -15.58 -20.10
CA GLY A 73 -9.25 -14.65 -19.35
C GLY A 73 -9.40 -13.25 -19.92
N GLY A 74 -10.40 -12.54 -19.40
CA GLY A 74 -10.58 -11.13 -19.74
C GLY A 74 -11.83 -10.57 -19.12
N LEU A 75 -12.20 -9.38 -19.59
CA LEU A 75 -13.33 -8.64 -19.03
C LEU A 75 -14.62 -8.88 -19.77
N ASN A 76 -14.61 -9.81 -20.72
CA ASN A 76 -15.85 -10.23 -21.38
C ASN A 76 -15.96 -11.73 -21.17
N LEU A 77 -16.78 -12.12 -20.20
CA LEU A 77 -16.79 -13.51 -19.78
C LEU A 77 -17.30 -14.39 -20.93
N ASP A 78 -18.22 -13.88 -21.77
CA ASP A 78 -18.62 -14.63 -22.95
C ASP A 78 -17.43 -15.03 -23.86
N ASP A 79 -16.49 -14.10 -24.06
CA ASP A 79 -15.27 -14.37 -24.87
C ASP A 79 -14.38 -15.43 -24.23
N ALA A 80 -14.24 -15.36 -22.90
CA ALA A 80 -13.40 -16.31 -22.18
C ALA A 80 -14.01 -17.74 -22.25
N ILE A 81 -15.34 -17.81 -22.13
CA ILE A 81 -16.07 -19.09 -22.27
C ILE A 81 -15.84 -19.66 -23.67
N ARG A 82 -15.99 -18.82 -24.70
N ARG A 82 -15.99 -18.82 -24.70
CA ARG A 82 -15.77 -19.23 -26.10
CA ARG A 82 -15.77 -19.21 -26.10
C ARG A 82 -14.38 -19.79 -26.31
C ARG A 82 -14.38 -19.79 -26.31
N LEU A 83 -13.36 -19.09 -25.83
CA LEU A 83 -11.97 -19.60 -25.93
C LEU A 83 -11.81 -20.90 -25.18
N ALA A 84 -12.41 -21.00 -24.00
CA ALA A 84 -12.28 -22.24 -23.24
C ALA A 84 -12.86 -23.41 -24.00
N LYS A 85 -14.06 -23.21 -24.56
CA LYS A 85 -14.69 -24.26 -25.35
C LYS A 85 -13.88 -24.63 -26.59
N LEU A 86 -13.38 -23.63 -27.30
CA LEU A 86 -12.59 -23.83 -28.51
C LEU A 86 -11.34 -24.68 -28.29
N SER A 87 -10.84 -24.68 -27.06
CA SER A 87 -9.64 -25.45 -26.74
C SER A 87 -9.86 -26.96 -26.73
N LYS A 88 -11.13 -27.40 -26.79
CA LYS A 88 -11.42 -28.84 -26.76
C LYS A 88 -10.69 -29.56 -27.90
N ASP A 89 -10.43 -28.87 -28.99
CA ASP A 89 -9.82 -29.54 -30.16
C ASP A 89 -8.31 -29.56 -30.13
N PHE A 90 -7.73 -29.25 -28.97
CA PHE A 90 -6.29 -29.13 -28.85
C PHE A 90 -5.92 -30.01 -27.66
N ASP A 91 -4.98 -30.92 -27.87
CA ASP A 91 -4.59 -31.88 -26.84
C ASP A 91 -3.53 -31.22 -25.90
N ILE A 92 -3.94 -30.19 -25.19
CA ILE A 92 -2.98 -29.42 -24.39
C ILE A 92 -3.05 -29.74 -22.89
N VAL A 93 -2.17 -29.13 -22.11
CA VAL A 93 -2.07 -29.40 -20.67
C VAL A 93 -3.25 -28.83 -19.90
N GLY A 94 -3.62 -27.58 -20.22
CA GLY A 94 -4.75 -26.99 -19.55
C GLY A 94 -5.03 -25.58 -20.07
N ILE A 95 -6.10 -24.99 -19.55
CA ILE A 95 -6.34 -23.55 -19.77
C ILE A 95 -6.09 -22.81 -18.46
N ALA A 96 -6.02 -21.49 -18.56
CA ALA A 96 -5.72 -20.70 -17.38
C ALA A 96 -6.45 -19.38 -17.48
N SER A 97 -6.65 -18.74 -16.33
CA SER A 97 -7.10 -17.34 -16.34
C SER A 97 -6.51 -16.56 -15.19
N TYR A 98 -6.13 -15.30 -15.46
CA TYR A 98 -6.02 -14.33 -14.38
C TYR A 98 -7.38 -13.88 -13.92
N ALA A 99 -7.40 -13.17 -12.79
CA ALA A 99 -8.62 -12.61 -12.26
C ALA A 99 -9.02 -11.43 -13.12
N PRO A 100 -10.32 -11.09 -13.13
CA PRO A 100 -10.77 -9.87 -13.82
C PRO A 100 -10.00 -8.66 -13.35
N TYR A 101 -9.40 -7.92 -14.29
CA TYR A 101 -8.50 -6.82 -13.90
C TYR A 101 -9.20 -5.46 -13.99
N TYR A 102 -8.43 -4.41 -13.73
CA TYR A 102 -8.94 -3.01 -13.75
C TYR A 102 -9.90 -2.67 -12.62
N TYR A 103 -11.08 -3.29 -12.58
CA TYR A 103 -12.12 -2.82 -11.67
C TYR A 103 -11.74 -3.10 -10.20
N PRO A 104 -11.57 -2.08 -9.38
CA PRO A 104 -11.21 -2.33 -7.97
C PRO A 104 -12.38 -2.88 -7.14
N ARG A 105 -12.08 -3.57 -6.07
CA ARG A 105 -13.14 -3.93 -5.12
C ARG A 105 -14.33 -4.70 -5.76
N MET A 106 -13.99 -5.78 -6.45
N MET A 106 -13.97 -5.75 -6.49
CA MET A 106 -14.99 -6.72 -6.96
CA MET A 106 -14.94 -6.76 -6.90
C MET A 106 -15.17 -7.77 -5.85
C MET A 106 -15.22 -7.57 -5.65
N SER A 107 -16.42 -8.14 -5.52
CA SER A 107 -16.66 -9.04 -4.37
C SER A 107 -16.02 -10.42 -4.58
N GLU A 108 -15.64 -11.08 -3.50
CA GLU A 108 -15.20 -12.45 -3.55
C GLU A 108 -16.26 -13.31 -4.24
N LYS A 109 -17.52 -13.07 -3.90
CA LYS A 109 -18.61 -13.81 -4.54
C LYS A 109 -18.53 -13.71 -6.07
N HIS A 110 -18.32 -12.49 -6.60
CA HIS A 110 -18.25 -12.32 -8.06
C HIS A 110 -16.98 -12.95 -8.65
N LEU A 111 -15.88 -12.85 -7.91
CA LEU A 111 -14.61 -13.45 -8.39
C LEU A 111 -14.74 -14.97 -8.47
N VAL A 112 -15.32 -15.56 -7.43
CA VAL A 112 -15.49 -17.00 -7.36
C VAL A 112 -16.42 -17.40 -8.52
N LYS A 113 -17.45 -16.61 -8.80
CA LYS A 113 -18.37 -16.95 -9.88
C LYS A 113 -17.69 -16.92 -11.24
N TYR A 114 -16.84 -15.92 -11.46
CA TYR A 114 -16.07 -15.86 -12.70
C TYR A 114 -15.27 -17.16 -12.94
N PHE A 115 -14.55 -17.60 -11.91
CA PHE A 115 -13.67 -18.74 -12.07
C PHE A 115 -14.48 -20.04 -12.16
N LYS A 116 -15.53 -20.18 -11.34
CA LYS A 116 -16.35 -21.40 -11.41
C LYS A 116 -17.02 -21.57 -12.77
N THR A 117 -17.39 -20.45 -13.40
CA THR A 117 -17.95 -20.45 -14.75
C THR A 117 -17.00 -20.99 -15.81
N LEU A 118 -15.74 -20.52 -15.78
CA LEU A 118 -14.72 -21.10 -16.65
C LEU A 118 -14.49 -22.58 -16.36
N CYS A 119 -14.45 -22.98 -15.10
CA CYS A 119 -14.25 -24.39 -14.77
C CYS A 119 -15.40 -25.24 -15.32
N GLU A 120 -16.62 -24.68 -15.29
CA GLU A 120 -17.80 -25.47 -15.69
C GLU A 120 -17.87 -25.71 -17.18
N VAL A 121 -17.22 -24.84 -17.96
CA VAL A 121 -17.21 -25.04 -19.42
C VAL A 121 -15.90 -25.63 -19.96
N SER A 122 -14.88 -25.72 -19.11
CA SER A 122 -13.57 -26.14 -19.58
C SER A 122 -13.43 -27.62 -19.97
N PRO A 123 -12.93 -27.87 -21.18
CA PRO A 123 -12.61 -29.24 -21.61
C PRO A 123 -11.24 -29.71 -21.15
N HIS A 124 -10.53 -28.87 -20.41
CA HIS A 124 -9.19 -29.22 -19.90
C HIS A 124 -9.07 -28.83 -18.40
N PRO A 125 -8.04 -29.33 -17.72
CA PRO A 125 -7.68 -28.86 -16.36
C PRO A 125 -7.53 -27.33 -16.41
N VAL A 126 -7.89 -26.70 -15.31
CA VAL A 126 -7.86 -25.24 -15.23
C VAL A 126 -6.82 -24.76 -14.23
N TYR A 127 -6.05 -23.76 -14.62
CA TYR A 127 -4.99 -23.25 -13.78
C TYR A 127 -5.34 -21.81 -13.40
N LEU A 128 -5.18 -21.47 -12.13
CA LEU A 128 -5.35 -20.11 -11.65
C LEU A 128 -4.06 -19.35 -11.93
N TYR A 129 -4.17 -18.16 -12.51
CA TYR A 129 -3.02 -17.25 -12.59
C TYR A 129 -3.28 -16.11 -11.62
N ASN A 130 -2.60 -16.13 -10.46
CA ASN A 130 -2.85 -15.12 -9.46
C ASN A 130 -1.78 -14.06 -9.56
N TYR A 131 -2.16 -12.82 -9.82
CA TYR A 131 -1.16 -11.74 -9.97
C TYR A 131 -1.80 -10.48 -9.39
N PRO A 132 -1.73 -10.32 -8.08
CA PRO A 132 -2.42 -9.20 -7.44
C PRO A 132 -1.98 -7.80 -7.89
N THR A 133 -0.68 -7.57 -8.13
CA THR A 133 -0.26 -6.23 -8.52
C THR A 133 -0.89 -5.83 -9.86
N ALA A 134 -0.98 -6.80 -10.76
CA ALA A 134 -1.49 -6.52 -12.08
C ALA A 134 -3.01 -6.42 -12.09
N THR A 135 -3.69 -7.29 -11.34
CA THR A 135 -5.15 -7.41 -11.49
C THR A 135 -5.89 -6.64 -10.45
N GLY A 136 -5.19 -6.29 -9.38
CA GLY A 136 -5.80 -5.66 -8.22
C GLY A 136 -6.52 -6.60 -7.30
N LYS A 137 -6.45 -7.89 -7.55
CA LYS A 137 -7.05 -8.78 -6.56
C LYS A 137 -6.28 -10.02 -6.30
N ASP A 138 -6.56 -10.60 -5.15
CA ASP A 138 -5.81 -11.73 -4.68
C ASP A 138 -6.72 -12.92 -4.53
N ILE A 139 -6.52 -13.92 -5.38
CA ILE A 139 -7.21 -15.17 -5.26
C ILE A 139 -6.28 -16.11 -4.49
N ASP A 140 -6.35 -15.99 -3.16
CA ASP A 140 -5.42 -16.70 -2.30
C ASP A 140 -5.78 -18.15 -2.11
N ALA A 141 -4.97 -18.86 -1.33
CA ALA A 141 -5.15 -20.29 -1.12
C ALA A 141 -6.58 -20.66 -0.64
N LYS A 142 -7.14 -19.80 0.20
CA LYS A 142 -8.51 -19.96 0.71
C LYS A 142 -9.57 -19.81 -0.36
N VAL A 143 -9.46 -18.75 -1.15
CA VAL A 143 -10.42 -18.53 -2.24
C VAL A 143 -10.23 -19.59 -3.31
N ALA A 144 -8.98 -20.00 -3.57
CA ALA A 144 -8.74 -21.09 -4.52
C ALA A 144 -9.43 -22.37 -4.06
N LYS A 145 -9.35 -22.66 -2.76
CA LYS A 145 -10.00 -23.84 -2.19
C LYS A 145 -11.51 -23.75 -2.35
N GLU A 146 -12.08 -22.57 -2.13
CA GLU A 146 -13.53 -22.39 -2.28
C GLU A 146 -13.98 -22.58 -3.75
N ILE A 147 -13.17 -22.09 -4.68
CA ILE A 147 -13.47 -22.28 -6.10
C ILE A 147 -13.42 -23.77 -6.43
N GLY A 148 -12.40 -24.46 -5.89
CA GLY A 148 -12.36 -25.93 -5.83
C GLY A 148 -12.19 -26.72 -7.13
N CYS A 149 -11.81 -26.06 -8.21
CA CYS A 149 -11.63 -26.77 -9.47
C CYS A 149 -10.28 -26.55 -10.15
N PHE A 150 -9.33 -25.93 -9.47
CA PHE A 150 -8.04 -25.70 -10.08
C PHE A 150 -7.12 -26.90 -9.97
N THR A 151 -6.49 -27.24 -11.07
CA THR A 151 -5.43 -28.24 -11.08
C THR A 151 -4.11 -27.66 -10.58
N GLY A 152 -3.90 -26.38 -10.88
CA GLY A 152 -2.66 -25.75 -10.46
C GLY A 152 -2.85 -24.24 -10.35
N VAL A 153 -1.80 -23.62 -9.84
CA VAL A 153 -1.76 -22.15 -9.66
C VAL A 153 -0.37 -21.63 -10.01
N LYS A 154 -0.33 -20.49 -10.70
CA LYS A 154 0.90 -19.71 -10.86
C LYS A 154 0.70 -18.47 -10.01
N ASP A 155 1.58 -18.30 -9.02
CA ASP A 155 1.42 -17.22 -8.07
C ASP A 155 2.53 -16.20 -8.32
N THR A 156 2.17 -15.05 -8.89
CA THR A 156 3.14 -13.98 -9.08
C THR A 156 3.03 -12.99 -7.95
N ILE A 157 3.91 -13.18 -6.97
CA ILE A 157 3.93 -12.44 -5.74
C ILE A 157 5.33 -12.71 -5.12
N GLU A 158 5.89 -11.75 -4.42
N GLU A 158 5.88 -11.75 -4.40
CA GLU A 158 7.24 -11.89 -3.84
CA GLU A 158 7.21 -11.86 -3.81
C GLU A 158 7.19 -12.59 -2.48
C GLU A 158 7.17 -12.68 -2.52
N ASN A 159 5.97 -12.73 -1.95
CA ASN A 159 5.73 -13.40 -0.69
C ASN A 159 5.55 -14.91 -0.81
N ILE A 160 6.57 -15.66 -0.48
CA ILE A 160 6.52 -17.09 -0.75
C ILE A 160 5.67 -17.80 0.31
N ILE A 161 5.38 -17.14 1.42
CA ILE A 161 4.46 -17.70 2.40
C ILE A 161 3.09 -17.90 1.70
N HIS A 162 2.69 -16.88 0.94
CA HIS A 162 1.42 -16.93 0.20
C HIS A 162 1.38 -18.12 -0.80
N THR A 163 2.50 -18.35 -1.48
CA THR A 163 2.60 -19.41 -2.49
C THR A 163 2.55 -20.78 -1.80
N LEU A 164 3.31 -20.93 -0.72
CA LEU A 164 3.27 -22.18 0.06
C LEU A 164 1.87 -22.47 0.58
N ASP A 165 1.11 -21.44 0.95
CA ASP A 165 -0.24 -21.69 1.47
C ASP A 165 -1.12 -22.44 0.49
N TYR A 166 -0.94 -22.21 -0.83
CA TYR A 166 -1.72 -23.02 -1.76
C TYR A 166 -1.51 -24.53 -1.55
N LYS A 167 -0.25 -24.94 -1.33
CA LYS A 167 0.09 -26.34 -1.10
C LYS A 167 -0.47 -26.79 0.24
N ARG A 168 -0.40 -25.92 1.22
CA ARG A 168 -0.89 -26.27 2.55
C ARG A 168 -2.42 -26.52 2.56
N LEU A 169 -3.17 -25.70 1.84
CA LEU A 169 -4.63 -25.78 1.88
C LEU A 169 -5.17 -26.68 0.77
N ASN A 170 -4.35 -26.90 -0.26
CA ASN A 170 -4.77 -27.68 -1.44
C ASN A 170 -3.66 -28.67 -1.79
N PRO A 171 -3.51 -29.71 -0.96
CA PRO A 171 -2.33 -30.56 -1.09
C PRO A 171 -2.13 -31.24 -2.46
N ASN A 172 -3.18 -31.35 -3.27
CA ASN A 172 -3.13 -32.00 -4.57
C ASN A 172 -2.79 -31.03 -5.70
N MET A 173 -2.87 -29.74 -5.39
CA MET A 173 -2.65 -28.70 -6.43
C MET A 173 -1.19 -28.57 -6.81
N LEU A 174 -0.94 -28.35 -8.11
CA LEU A 174 0.38 -28.02 -8.62
C LEU A 174 0.59 -26.53 -8.34
N VAL A 175 1.72 -26.18 -7.75
CA VAL A 175 1.92 -24.80 -7.28
C VAL A 175 3.22 -24.24 -7.84
N TYR A 176 3.09 -23.21 -8.67
CA TYR A 176 4.24 -22.59 -9.30
C TYR A 176 4.33 -21.15 -8.89
N SER A 177 5.56 -20.68 -8.77
CA SER A 177 5.85 -19.26 -8.60
C SER A 177 6.03 -18.58 -9.95
N GLY A 178 5.51 -17.36 -10.05
CA GLY A 178 5.73 -16.51 -11.22
C GLY A 178 7.03 -15.70 -11.21
N SER A 179 7.98 -16.09 -10.37
N SER A 179 7.99 -16.04 -10.35
CA SER A 179 9.23 -15.35 -10.22
CA SER A 179 9.20 -15.21 -10.13
C SER A 179 10.40 -16.03 -10.88
C SER A 179 10.52 -15.85 -10.58
N ASP A 180 11.23 -15.21 -11.52
CA ASP A 180 12.56 -15.69 -11.98
C ASP A 180 13.53 -15.72 -10.85
N MET A 181 13.31 -14.89 -9.83
CA MET A 181 14.30 -14.73 -8.79
C MET A 181 14.17 -15.82 -7.72
N LEU A 182 13.11 -16.63 -7.83
CA LEU A 182 12.86 -17.71 -6.87
C LEU A 182 13.04 -19.14 -7.42
N ILE A 183 13.75 -19.33 -8.54
CA ILE A 183 13.87 -20.68 -9.07
C ILE A 183 14.60 -21.61 -8.10
N ALA A 184 15.74 -21.18 -7.57
CA ALA A 184 16.49 -22.02 -6.64
C ALA A 184 15.66 -22.30 -5.41
N THR A 185 14.97 -21.27 -4.91
CA THR A 185 14.25 -21.45 -3.65
C THR A 185 13.03 -22.38 -3.81
N VAL A 186 12.26 -22.17 -4.87
CA VAL A 186 11.09 -23.01 -5.15
C VAL A 186 11.47 -24.49 -5.26
N ALA A 187 12.54 -24.75 -5.98
CA ALA A 187 13.01 -26.09 -6.22
C ALA A 187 13.46 -26.72 -4.92
N SER A 188 14.09 -25.92 -4.06
N SER A 188 14.06 -25.92 -4.05
CA SER A 188 14.61 -26.37 -2.77
CA SER A 188 14.60 -26.39 -2.78
C SER A 188 13.52 -26.68 -1.75
C SER A 188 13.56 -26.59 -1.69
N THR A 189 12.41 -25.93 -1.83
CA THR A 189 11.42 -25.97 -0.76
C THR A 189 10.17 -26.77 -1.01
N GLY A 190 10.18 -27.64 -2.03
CA GLY A 190 9.07 -28.55 -2.25
C GLY A 190 7.95 -28.06 -3.15
N LEU A 191 8.16 -26.94 -3.84
CA LEU A 191 7.12 -26.44 -4.74
C LEU A 191 7.36 -27.03 -6.14
N ASP A 192 6.45 -26.73 -7.07
CA ASP A 192 6.40 -27.45 -8.35
C ASP A 192 7.12 -26.80 -9.50
N GLY A 193 7.66 -25.59 -9.28
CA GLY A 193 8.48 -24.95 -10.30
C GLY A 193 8.06 -23.50 -10.50
N ASN A 194 8.52 -22.94 -11.61
CA ASN A 194 8.42 -21.51 -11.85
C ASN A 194 7.96 -21.25 -13.25
N VAL A 195 7.02 -20.30 -13.39
CA VAL A 195 6.62 -19.77 -14.69
C VAL A 195 7.41 -18.49 -14.82
N ALA A 196 8.47 -18.55 -15.64
CA ALA A 196 9.58 -17.59 -15.55
C ALA A 196 9.76 -16.78 -16.80
N ALA A 197 9.43 -15.51 -16.76
CA ALA A 197 9.57 -14.67 -17.96
C ALA A 197 10.99 -14.73 -18.54
N GLY A 198 11.99 -14.69 -17.66
CA GLY A 198 13.38 -14.73 -18.10
C GLY A 198 13.79 -16.02 -18.80
N SER A 199 12.98 -17.07 -18.70
CA SER A 199 13.27 -18.31 -19.43
C SER A 199 13.06 -18.12 -20.94
N ASN A 200 12.40 -17.01 -21.33
CA ASN A 200 12.35 -16.68 -22.75
C ASN A 200 13.72 -16.46 -23.35
N TYR A 201 14.57 -15.77 -22.60
CA TYR A 201 15.85 -15.34 -23.16
C TYR A 201 17.04 -16.14 -22.62
N LEU A 202 16.86 -16.75 -21.43
CA LEU A 202 17.92 -17.60 -20.88
C LEU A 202 17.34 -18.93 -20.36
N PRO A 203 16.72 -19.69 -21.23
CA PRO A 203 16.14 -20.97 -20.80
C PRO A 203 17.23 -21.86 -20.18
N GLU A 204 18.43 -21.81 -20.77
CA GLU A 204 19.56 -22.62 -20.27
C GLU A 204 19.84 -22.34 -18.78
N VAL A 205 19.77 -21.07 -18.42
CA VAL A 205 20.10 -20.65 -17.07
C VAL A 205 19.00 -21.09 -16.13
N THR A 206 17.74 -20.86 -16.52
CA THR A 206 16.65 -21.24 -15.63
C THR A 206 16.61 -22.76 -15.38
N VAL A 207 16.81 -23.53 -16.44
CA VAL A 207 16.79 -24.99 -16.33
C VAL A 207 17.96 -25.47 -15.48
N THR A 208 19.09 -24.79 -15.62
CA THR A 208 20.28 -25.18 -14.86
C THR A 208 20.13 -24.86 -13.37
N ILE A 209 19.54 -23.71 -13.06
CA ILE A 209 19.32 -23.39 -11.64
C ILE A 209 18.45 -24.47 -11.00
N LYS A 210 17.37 -24.84 -11.68
CA LYS A 210 16.45 -25.87 -11.22
C LYS A 210 17.22 -27.19 -10.97
N LYS A 211 18.00 -27.60 -11.96
CA LYS A 211 18.77 -28.86 -11.86
C LYS A 211 19.72 -28.86 -10.65
N LEU A 212 20.42 -27.75 -10.47
CA LEU A 212 21.40 -27.64 -9.38
C LEU A 212 20.68 -27.75 -8.06
N ALA A 213 19.55 -27.06 -7.95
CA ALA A 213 18.83 -27.11 -6.68
C ALA A 213 18.28 -28.51 -6.40
N MET A 214 17.76 -29.17 -7.43
N MET A 214 17.78 -29.20 -7.42
CA MET A 214 17.24 -30.55 -7.31
CA MET A 214 17.25 -30.56 -7.23
C MET A 214 18.33 -31.49 -6.78
C MET A 214 18.33 -31.58 -6.88
N GLU A 215 19.56 -31.27 -7.24
CA GLU A 215 20.73 -32.05 -6.82
C GLU A 215 21.26 -31.59 -5.45
N ARG A 216 20.49 -30.73 -4.77
CA ARG A 216 20.84 -30.20 -3.46
C ARG A 216 22.17 -29.43 -3.43
N LYS A 217 22.56 -28.87 -4.57
CA LYS A 217 23.78 -28.11 -4.67
C LYS A 217 23.39 -26.66 -4.48
N ILE A 218 23.00 -26.34 -3.26
CA ILE A 218 22.29 -25.07 -3.06
C ILE A 218 23.19 -23.86 -3.30
N ASP A 219 24.45 -23.94 -2.90
CA ASP A 219 25.34 -22.82 -3.13
C ASP A 219 25.59 -22.55 -4.60
N GLU A 220 25.81 -23.61 -5.38
CA GLU A 220 25.98 -23.48 -6.83
C GLU A 220 24.68 -22.92 -7.44
N ALA A 221 23.52 -23.44 -7.01
CA ALA A 221 22.22 -22.96 -7.54
C ALA A 221 22.03 -21.48 -7.24
N LEU A 222 22.39 -21.07 -6.02
CA LEU A 222 22.23 -19.68 -5.65
C LEU A 222 23.19 -18.77 -6.40
N LYS A 223 24.42 -19.22 -6.63
CA LYS A 223 25.36 -18.39 -7.37
C LYS A 223 24.80 -18.12 -8.75
N LEU A 224 24.19 -19.15 -9.36
CA LEU A 224 23.64 -18.96 -10.69
C LEU A 224 22.36 -18.13 -10.62
N GLN A 225 21.56 -18.37 -9.58
CA GLN A 225 20.34 -17.58 -9.40
C GLN A 225 20.67 -16.10 -9.29
N PHE A 226 21.73 -15.78 -8.55
CA PHE A 226 22.10 -14.40 -8.34
C PHE A 226 22.59 -13.73 -9.60
N LEU A 227 23.25 -14.50 -10.49
CA LEU A 227 23.60 -13.96 -11.80
C LEU A 227 22.36 -13.69 -12.70
N HIS A 228 21.42 -14.62 -12.69
CA HIS A 228 20.17 -14.44 -13.36
C HIS A 228 19.39 -13.23 -12.81
N ASP A 229 19.40 -13.06 -11.49
CA ASP A 229 18.80 -11.88 -10.89
C ASP A 229 19.32 -10.56 -11.49
N GLU A 230 20.62 -10.49 -11.78
CA GLU A 230 21.18 -9.26 -12.34
C GLU A 230 20.65 -9.02 -13.75
N VAL A 231 20.37 -10.09 -14.49
CA VAL A 231 19.76 -9.90 -15.81
C VAL A 231 18.33 -9.41 -15.66
N ILE A 232 17.59 -9.98 -14.70
CA ILE A 232 16.22 -9.53 -14.49
C ILE A 232 16.23 -8.03 -14.13
N GLU A 233 17.12 -7.64 -13.21
CA GLU A 233 17.25 -6.22 -12.86
C GLU A 233 17.57 -5.34 -14.04
N ALA A 234 18.51 -5.78 -14.88
CA ALA A 234 18.85 -4.99 -16.07
C ALA A 234 17.63 -4.83 -16.97
N SER A 235 16.85 -5.91 -17.13
CA SER A 235 15.65 -5.82 -17.97
C SER A 235 14.66 -4.76 -17.48
N ARG A 236 14.69 -4.45 -16.18
CA ARG A 236 13.69 -3.54 -15.61
C ARG A 236 14.03 -2.06 -15.82
N ILE A 237 15.28 -1.80 -16.22
CA ILE A 237 15.73 -0.40 -16.38
C ILE A 237 14.85 0.37 -17.37
N PHE A 238 14.60 -0.23 -18.52
CA PHE A 238 13.83 0.45 -19.55
C PHE A 238 12.43 -0.11 -19.71
N GLY A 239 12.10 -1.12 -18.90
CA GLY A 239 10.77 -1.72 -18.93
C GLY A 239 10.93 -3.18 -19.32
N SER A 240 10.58 -4.11 -18.41
CA SER A 240 10.88 -5.51 -18.69
C SER A 240 10.14 -6.09 -19.89
N LEU A 241 8.86 -5.75 -20.09
CA LEU A 241 8.09 -6.39 -21.14
C LEU A 241 8.68 -6.04 -22.50
N SER A 242 9.20 -4.81 -22.60
CA SER A 242 9.85 -4.35 -23.83
C SER A 242 11.26 -4.95 -23.93
N SER A 243 11.97 -4.93 -22.82
CA SER A 243 13.36 -5.40 -22.78
C SER A 243 13.49 -6.89 -23.07
N ASN A 244 12.44 -7.67 -22.78
CA ASN A 244 12.52 -9.14 -22.99
C ASN A 244 12.76 -9.47 -24.45
N TYR A 245 12.24 -8.62 -25.33
CA TYR A 245 12.42 -8.82 -26.77
C TYR A 245 13.91 -8.68 -27.14
N VAL A 246 14.53 -7.60 -26.66
CA VAL A 246 15.94 -7.26 -26.91
C VAL A 246 16.80 -8.36 -26.34
N LEU A 247 16.51 -8.77 -25.11
CA LEU A 247 17.27 -9.85 -24.47
C LEU A 247 17.18 -11.21 -25.17
N THR A 248 16.02 -11.57 -25.73
CA THR A 248 15.87 -12.83 -26.47
C THR A 248 16.73 -12.81 -27.73
N LYS A 249 16.66 -11.71 -28.47
CA LYS A 249 17.52 -11.54 -29.66
C LYS A 249 19.00 -11.63 -29.26
N TYR A 250 19.38 -10.97 -28.18
CA TYR A 250 20.77 -10.95 -27.73
C TYR A 250 21.27 -12.34 -27.31
N PHE A 251 20.50 -13.03 -26.47
CA PHE A 251 20.97 -14.32 -25.96
C PHE A 251 20.70 -15.54 -26.83
N GLN A 252 19.62 -15.52 -27.61
CA GLN A 252 19.18 -16.70 -28.35
C GLN A 252 19.45 -16.58 -29.84
N GLY A 253 19.70 -15.35 -30.30
CA GLY A 253 20.13 -15.06 -31.66
C GLY A 253 19.09 -15.06 -32.77
N TYR A 254 17.81 -14.95 -32.45
CA TYR A 254 16.79 -14.70 -33.44
C TYR A 254 15.95 -13.57 -32.88
N ASP A 255 15.25 -12.83 -33.72
CA ASP A 255 14.45 -11.76 -33.13
C ASP A 255 13.00 -12.16 -33.01
N LEU A 256 12.30 -11.39 -32.17
CA LEU A 256 10.90 -11.61 -31.88
C LEU A 256 10.16 -10.35 -32.26
N GLY A 257 10.71 -9.60 -33.22
CA GLY A 257 9.92 -8.52 -33.82
C GLY A 257 9.70 -7.42 -32.80
N TYR A 258 8.45 -6.99 -32.67
CA TYR A 258 8.09 -5.79 -31.90
C TYR A 258 7.11 -6.20 -30.80
N PRO A 259 7.07 -5.45 -29.70
CA PRO A 259 5.95 -5.58 -28.77
C PRO A 259 4.74 -4.85 -29.34
N ARG A 260 3.63 -4.81 -28.61
CA ARG A 260 2.49 -4.00 -29.01
C ARG A 260 2.40 -2.74 -28.11
N PRO A 261 2.60 -1.52 -28.67
CA PRO A 261 2.35 -0.26 -27.96
C PRO A 261 0.96 -0.20 -27.32
N PRO A 262 0.83 0.31 -26.09
CA PRO A 262 1.85 1.07 -25.33
C PRO A 262 3.02 0.34 -24.65
N ILE A 263 3.18 -0.93 -24.94
CA ILE A 263 4.46 -1.58 -24.58
C ILE A 263 5.36 -1.25 -25.76
N PHE A 264 6.08 -0.14 -25.67
CA PHE A 264 6.84 0.39 -26.82
C PHE A 264 8.18 -0.36 -26.94
N PRO A 265 8.65 -0.56 -28.15
CA PRO A 265 9.98 -1.17 -28.31
C PRO A 265 11.07 -0.25 -27.77
N LEU A 266 12.16 -0.85 -27.29
CA LEU A 266 13.32 -0.06 -26.88
C LEU A 266 13.91 0.58 -28.15
N ASP A 267 14.46 1.79 -28.01
CA ASP A 267 15.12 2.40 -29.15
C ASP A 267 16.55 1.89 -29.24
N ASP A 268 17.28 2.29 -30.29
CA ASP A 268 18.63 1.73 -30.50
C ASP A 268 19.58 2.03 -29.35
N GLU A 269 19.49 3.23 -28.78
CA GLU A 269 20.37 3.63 -27.69
C GLU A 269 20.08 2.84 -26.41
N GLU A 270 18.79 2.69 -26.11
CA GLU A 270 18.31 1.88 -25.01
C GLU A 270 18.79 0.45 -25.16
N GLU A 271 18.65 -0.11 -26.36
CA GLU A 271 19.12 -1.47 -26.65
C GLU A 271 20.64 -1.55 -26.38
N ARG A 272 21.40 -0.60 -26.91
CA ARG A 272 22.85 -0.53 -26.63
C ARG A 272 23.20 -0.49 -25.13
N GLN A 273 22.49 0.33 -24.35
CA GLN A 273 22.76 0.42 -22.92
C GLN A 273 22.38 -0.87 -22.18
N LEU A 274 21.31 -1.52 -22.62
CA LEU A 274 20.88 -2.76 -21.98
C LEU A 274 21.91 -3.84 -22.24
N ILE A 275 22.31 -3.95 -23.50
CA ILE A 275 23.39 -4.89 -23.84
C ILE A 275 24.64 -4.65 -22.99
N LYS A 276 25.01 -3.39 -22.76
CA LYS A 276 26.19 -3.11 -21.94
C LYS A 276 26.05 -3.59 -20.51
N LYS A 277 24.80 -3.59 -20.02
CA LYS A 277 24.51 -4.03 -18.66
C LYS A 277 24.59 -5.55 -18.53
N VAL A 278 24.39 -6.25 -19.63
CA VAL A 278 24.39 -7.72 -19.56
C VAL A 278 25.53 -8.47 -20.26
N GLU A 279 26.40 -7.74 -20.96
CA GLU A 279 27.45 -8.43 -21.74
C GLU A 279 28.47 -9.13 -20.87
N GLY A 280 28.78 -8.55 -19.71
CA GLY A 280 29.66 -9.18 -18.73
C GLY A 280 29.07 -10.46 -18.16
N ILE A 281 27.75 -10.46 -17.95
CA ILE A 281 27.06 -11.69 -17.48
C ILE A 281 27.09 -12.79 -18.54
N ARG A 282 26.86 -12.42 -19.80
CA ARG A 282 26.91 -13.37 -20.91
C ARG A 282 28.30 -14.02 -20.91
N ALA A 283 29.33 -13.21 -20.69
CA ALA A 283 30.70 -13.71 -20.69
C ALA A 283 30.94 -14.75 -19.58
N LYS A 284 30.40 -14.50 -18.40
CA LYS A 284 30.53 -15.45 -17.29
C LYS A 284 29.78 -16.75 -17.64
N LEU A 285 28.60 -16.62 -18.22
CA LEU A 285 27.77 -17.78 -18.57
C LEU A 285 28.44 -18.68 -19.62
N VAL A 286 29.14 -18.05 -20.54
CA VAL A 286 29.98 -18.77 -21.51
C VAL A 286 31.13 -19.51 -20.81
N GLU A 287 31.81 -18.83 -19.90
CA GLU A 287 32.94 -19.43 -19.17
C GLU A 287 32.46 -20.55 -18.23
N LEU A 288 31.20 -20.51 -17.81
CA LEU A 288 30.61 -21.60 -17.03
C LEU A 288 30.07 -22.73 -17.92
N LYS A 289 30.19 -22.56 -19.24
CA LYS A 289 29.69 -23.51 -20.26
C LYS A 289 28.16 -23.67 -20.25
N ILE A 290 27.47 -22.66 -19.71
CA ILE A 290 26.02 -22.68 -19.68
C ILE A 290 25.47 -22.25 -21.04
N LEU A 291 26.12 -21.25 -21.63
CA LEU A 291 25.86 -20.79 -22.98
C LEU A 291 27.10 -21.08 -23.84
N LYS A 292 26.84 -21.28 -25.13
CA LYS A 292 27.87 -21.29 -26.17
C LYS A 292 28.05 -19.89 -26.73
N GLU A 293 29.25 -19.62 -27.25
CA GLU A 293 29.54 -18.34 -27.92
C GLU A 293 28.65 -18.13 -29.13
N PRO B 1 -13.23 28.73 11.64
CA PRO B 1 -12.12 27.72 11.78
C PRO B 1 -10.91 28.35 12.39
N GLU B 2 -9.97 27.49 12.78
CA GLU B 2 -8.84 27.85 13.60
C GLU B 2 -7.59 27.35 12.91
N ILE B 3 -6.47 28.02 13.18
CA ILE B 3 -5.13 27.44 12.93
C ILE B 3 -4.51 27.12 14.27
N ILE B 4 -4.06 25.87 14.41
CA ILE B 4 -3.47 25.38 15.63
C ILE B 4 -2.05 24.98 15.29
N THR B 5 -1.07 25.40 16.09
CA THR B 5 0.31 24.99 15.80
C THR B 5 0.74 23.79 16.61
N PRO B 6 1.22 22.73 15.96
CA PRO B 6 1.85 21.61 16.66
C PRO B 6 3.27 22.11 16.88
N ILE B 7 3.46 22.67 18.07
CA ILE B 7 4.67 23.46 18.32
C ILE B 7 5.94 22.59 18.36
N ILE B 8 6.98 23.13 17.72
CA ILE B 8 8.30 22.48 17.75
C ILE B 8 8.86 22.46 19.18
N THR B 9 9.55 21.37 19.52
CA THR B 9 10.28 21.31 20.78
C THR B 9 11.77 21.63 20.51
N PRO B 10 12.27 22.75 21.05
CA PRO B 10 13.67 23.10 20.84
C PRO B 10 14.52 22.28 21.78
N PHE B 11 15.64 21.74 21.30
CA PHE B 11 16.54 21.04 22.21
C PHE B 11 17.85 21.78 22.29
N THR B 12 18.55 21.56 23.40
CA THR B 12 19.86 22.17 23.58
C THR B 12 20.90 21.30 22.89
N LYS B 13 22.14 21.81 22.84
CA LYS B 13 23.26 21.03 22.31
C LYS B 13 23.44 19.69 23.06
N ASP B 14 23.10 19.59 24.34
CA ASP B 14 23.14 18.25 24.95
C ASP B 14 21.78 17.63 25.16
N ASN B 15 20.90 17.88 24.21
CA ASN B 15 19.69 17.08 24.08
C ASN B 15 18.69 17.16 25.25
N ARG B 16 18.58 18.33 25.86
CA ARG B 16 17.52 18.60 26.82
C ARG B 16 16.56 19.63 26.20
N ILE B 17 15.33 19.71 26.69
CA ILE B 17 14.38 20.69 26.15
C ILE B 17 14.85 22.11 26.54
N ASP B 18 14.85 23.00 25.57
CA ASP B 18 15.26 24.38 25.83
C ASP B 18 14.02 25.18 26.14
N LYS B 19 13.71 25.26 27.42
CA LYS B 19 12.45 25.84 27.86
C LYS B 19 12.31 27.32 27.48
N GLU B 20 13.42 28.06 27.57
CA GLU B 20 13.37 29.47 27.25
C GLU B 20 13.11 29.73 25.76
N LYS B 21 13.71 28.90 24.89
CA LYS B 21 13.47 29.07 23.46
C LYS B 21 12.03 28.69 23.10
N LEU B 22 11.51 27.68 23.80
CA LEU B 22 10.14 27.19 23.63
C LEU B 22 9.13 28.27 24.00
N LYS B 23 9.38 28.97 25.11
CA LYS B 23 8.49 30.05 25.53
C LYS B 23 8.49 31.23 24.53
N ILE B 24 9.67 31.63 24.07
N ILE B 24 9.68 31.64 24.07
CA ILE B 24 9.78 32.67 23.03
CA ILE B 24 9.82 32.65 23.01
C ILE B 24 8.98 32.31 21.78
C ILE B 24 8.97 32.30 21.80
N HIS B 25 9.06 31.05 21.37
CA HIS B 25 8.39 30.64 20.15
C HIS B 25 6.87 30.62 20.37
N ALA B 26 6.43 30.05 21.50
CA ALA B 26 4.99 30.02 21.84
C ALA B 26 4.39 31.42 21.89
N GLU B 27 5.12 32.32 22.53
CA GLU B 27 4.70 33.72 22.62
C GLU B 27 4.52 34.35 21.23
N ASN B 28 5.52 34.16 20.36
CA ASN B 28 5.45 34.69 19.02
C ASN B 28 4.25 34.15 18.25
N LEU B 29 4.03 32.83 18.34
CA LEU B 29 2.90 32.22 17.63
C LEU B 29 1.56 32.84 18.04
N ILE B 30 1.34 32.96 19.35
CA ILE B 30 0.05 33.51 19.82
C ILE B 30 -0.10 34.98 19.34
N ARG B 31 0.98 35.73 19.41
CA ARG B 31 0.98 37.14 18.98
C ARG B 31 0.72 37.30 17.50
N LYS B 32 1.05 36.27 16.71
CA LYS B 32 0.77 36.27 15.25
C LYS B 32 -0.57 35.67 14.87
N GLY B 33 -1.34 35.32 15.88
CA GLY B 33 -2.75 35.01 15.70
C GLY B 33 -3.10 33.56 15.68
N ILE B 34 -2.13 32.71 16.03
CA ILE B 34 -2.42 31.30 16.15
C ILE B 34 -3.41 31.09 17.26
N ASP B 35 -4.38 30.22 17.05
CA ASP B 35 -5.48 30.03 17.99
C ASP B 35 -5.11 29.21 19.22
N LYS B 36 -4.43 28.08 18.99
CA LYS B 36 -4.12 27.13 20.09
C LYS B 36 -2.81 26.48 19.73
N LEU B 37 -2.17 25.89 20.74
CA LEU B 37 -0.91 25.16 20.52
C LEU B 37 -1.14 23.67 20.84
N PHE B 38 -0.68 22.80 19.95
CA PHE B 38 -0.81 21.36 20.18
C PHE B 38 0.60 20.91 20.59
N VAL B 39 0.74 20.47 21.83
CA VAL B 39 2.07 20.20 22.47
C VAL B 39 2.34 18.71 22.51
N ASN B 40 3.58 18.33 22.14
CA ASN B 40 4.02 16.94 22.05
C ASN B 40 3.39 16.21 20.89
N GLY B 41 3.10 16.93 19.78
CA GLY B 41 2.64 16.27 18.57
C GLY B 41 3.81 15.74 17.75
N THR B 42 3.54 15.33 16.52
CA THR B 42 4.64 14.83 15.66
C THR B 42 5.71 15.89 15.46
N THR B 43 5.27 17.10 15.14
CA THR B 43 6.20 18.20 14.85
C THR B 43 7.06 18.54 16.05
N GLY B 44 6.49 18.36 17.26
CA GLY B 44 7.24 18.54 18.49
C GLY B 44 8.03 17.33 18.94
N LEU B 45 8.11 16.32 18.09
CA LEU B 45 8.80 15.04 18.36
C LEU B 45 8.26 14.34 19.60
N GLY B 46 6.94 14.39 19.79
CA GLY B 46 6.33 13.70 20.92
C GLY B 46 6.77 12.27 21.15
N PRO B 47 6.77 11.43 20.12
CA PRO B 47 7.19 10.02 20.32
C PRO B 47 8.63 9.88 20.78
N SER B 48 9.43 10.94 20.62
CA SER B 48 10.85 10.95 21.06
C SER B 48 11.01 11.44 22.48
N LEU B 49 9.91 11.89 23.09
CA LEU B 49 9.94 12.45 24.43
C LEU B 49 9.51 11.44 25.49
N SER B 50 10.27 11.38 26.58
CA SER B 50 9.84 10.61 27.76
C SER B 50 8.58 11.25 28.35
N PRO B 51 7.83 10.51 29.14
CA PRO B 51 6.66 11.11 29.81
C PRO B 51 7.06 12.35 30.65
N GLU B 52 8.19 12.31 31.35
CA GLU B 52 8.65 13.50 32.07
C GLU B 52 8.88 14.72 31.14
N GLU B 53 9.45 14.46 29.97
CA GLU B 53 9.67 15.52 29.01
C GLU B 53 8.36 16.06 28.42
N LYS B 54 7.39 15.17 28.21
CA LYS B 54 6.08 15.62 27.73
C LYS B 54 5.46 16.58 28.72
N LEU B 55 5.57 16.25 30.00
CA LEU B 55 5.09 17.14 31.03
C LEU B 55 5.88 18.45 31.16
N GLU B 56 7.21 18.40 31.02
CA GLU B 56 8.05 19.59 30.99
C GLU B 56 7.62 20.56 29.86
N ASN B 57 7.26 19.99 28.72
CA ASN B 57 6.77 20.79 27.60
C ASN B 57 5.49 21.52 27.95
N LEU B 58 4.56 20.84 28.61
CA LEU B 58 3.30 21.44 28.99
C LEU B 58 3.56 22.59 29.95
N LYS B 59 4.46 22.38 30.91
CA LYS B 59 4.69 23.43 31.93
C LYS B 59 5.30 24.69 31.32
N ALA B 60 6.26 24.50 30.42
CA ALA B 60 6.91 25.59 29.74
C ALA B 60 5.91 26.39 28.94
N VAL B 61 5.12 25.69 28.10
CA VAL B 61 4.17 26.40 27.24
C VAL B 61 3.07 27.05 28.08
N TYR B 62 2.65 26.39 29.14
CA TYR B 62 1.59 26.94 30.01
C TYR B 62 1.97 28.28 30.66
N ASP B 63 3.27 28.50 30.82
CA ASP B 63 3.80 29.79 31.28
C ASP B 63 3.42 30.94 30.35
N VAL B 64 3.17 30.63 29.07
CA VAL B 64 2.85 31.62 28.02
C VAL B 64 1.35 31.69 27.73
N THR B 65 0.67 30.54 27.69
CA THR B 65 -0.75 30.52 27.32
C THR B 65 -1.45 29.30 27.86
N ASN B 66 -2.74 29.44 28.16
CA ASN B 66 -3.54 28.26 28.45
C ASN B 66 -4.22 27.60 27.24
N LYS B 67 -3.95 28.13 26.05
CA LYS B 67 -4.64 27.65 24.86
C LYS B 67 -3.86 26.46 24.31
N ILE B 68 -3.90 25.37 25.07
CA ILE B 68 -3.05 24.20 24.81
C ILE B 68 -3.89 22.94 24.69
N ILE B 69 -3.57 22.10 23.70
CA ILE B 69 -4.02 20.72 23.66
C ILE B 69 -2.76 19.88 23.89
N PHE B 70 -2.83 19.07 24.95
CA PHE B 70 -1.65 18.36 25.49
C PHE B 70 -1.70 16.93 25.03
N GLN B 71 -0.78 16.57 24.13
CA GLN B 71 -0.69 15.19 23.66
C GLN B 71 0.09 14.31 24.65
N VAL B 72 -0.47 13.16 24.99
CA VAL B 72 0.04 12.36 26.14
C VAL B 72 0.28 10.89 25.81
N GLY B 73 0.02 10.48 24.56
CA GLY B 73 -0.03 9.05 24.26
C GLY B 73 1.33 8.37 24.17
N GLY B 74 1.29 7.05 24.18
CA GLY B 74 2.54 6.29 24.08
C GLY B 74 2.23 4.84 24.24
N LEU B 75 3.29 4.02 24.35
CA LEU B 75 3.10 2.57 24.39
C LEU B 75 3.08 1.99 25.80
N ASN B 76 3.09 2.85 26.81
CA ASN B 76 2.91 2.39 28.19
C ASN B 76 1.64 3.13 28.62
N LEU B 77 0.51 2.44 28.61
CA LEU B 77 -0.77 3.10 28.98
C LEU B 77 -0.74 3.70 30.39
N ASP B 78 -0.01 3.06 31.31
CA ASP B 78 0.12 3.66 32.65
C ASP B 78 0.73 5.04 32.63
N ASP B 79 1.74 5.28 31.78
CA ASP B 79 2.40 6.59 31.68
C ASP B 79 1.44 7.62 31.08
N ALA B 80 0.64 7.18 30.11
CA ALA B 80 -0.29 8.09 29.45
C ALA B 80 -1.43 8.50 30.41
N ILE B 81 -1.90 7.55 31.22
CA ILE B 81 -2.89 7.86 32.26
C ILE B 81 -2.32 8.85 33.25
N ARG B 82 -1.06 8.63 33.64
CA ARG B 82 -0.45 9.52 34.62
C ARG B 82 -0.39 10.95 34.06
N LEU B 83 -0.04 11.07 32.77
CA LEU B 83 0.03 12.40 32.18
C LEU B 83 -1.35 13.06 32.11
N ALA B 84 -2.35 12.27 31.72
CA ALA B 84 -3.73 12.76 31.66
C ALA B 84 -4.21 13.27 33.03
N LYS B 85 -3.98 12.48 34.08
CA LYS B 85 -4.37 12.93 35.42
C LYS B 85 -3.57 14.17 35.88
N LEU B 86 -2.28 14.24 35.56
CA LEU B 86 -1.44 15.37 35.95
C LEU B 86 -1.92 16.70 35.33
N SER B 87 -2.63 16.59 34.20
CA SER B 87 -3.09 17.79 33.48
C SER B 87 -4.26 18.46 34.17
N LYS B 88 -4.84 17.79 35.18
CA LYS B 88 -5.94 18.37 35.96
C LYS B 88 -5.65 19.78 36.50
N ASP B 89 -4.43 20.01 36.96
CA ASP B 89 -3.98 21.28 37.55
C ASP B 89 -3.73 22.42 36.53
N PHE B 90 -3.96 22.14 35.26
CA PHE B 90 -3.70 23.08 34.16
C PHE B 90 -5.02 23.40 33.49
N ASP B 91 -5.30 24.68 33.34
CA ASP B 91 -6.55 25.13 32.78
C ASP B 91 -6.45 25.21 31.26
N ILE B 92 -6.28 24.05 30.64
CA ILE B 92 -6.03 23.99 29.19
C ILE B 92 -7.25 23.56 28.38
N VAL B 93 -7.09 23.50 27.03
CA VAL B 93 -8.19 23.17 26.14
C VAL B 93 -8.57 21.71 26.20
N GLY B 94 -7.57 20.83 26.17
CA GLY B 94 -7.87 19.42 26.24
C GLY B 94 -6.58 18.60 26.23
N ILE B 95 -6.72 17.29 26.32
CA ILE B 95 -5.59 16.39 26.08
C ILE B 95 -5.84 15.68 24.75
N ALA B 96 -4.81 14.98 24.26
CA ALA B 96 -4.96 14.26 22.99
C ALA B 96 -4.08 13.05 22.99
N SER B 97 -4.38 12.10 22.13
CA SER B 97 -3.43 10.97 21.92
C SER B 97 -3.51 10.51 20.49
N TYR B 98 -2.35 10.14 19.91
CA TYR B 98 -2.39 9.31 18.71
C TYR B 98 -2.60 7.86 19.11
N ALA B 99 -2.88 7.03 18.13
CA ALA B 99 -3.10 5.62 18.38
C ALA B 99 -1.77 5.00 18.76
N PRO B 100 -1.81 3.91 19.50
CA PRO B 100 -0.59 3.13 19.74
C PRO B 100 0.16 2.84 18.45
N TYR B 101 1.44 3.21 18.41
CA TYR B 101 2.20 3.05 17.16
C TYR B 101 3.06 1.80 17.16
N TYR B 102 3.81 1.65 16.07
CA TYR B 102 4.74 0.52 15.81
C TYR B 102 4.06 -0.81 15.57
N TYR B 103 3.36 -1.33 16.57
CA TYR B 103 2.83 -2.69 16.47
C TYR B 103 1.79 -2.85 15.37
N PRO B 104 2.05 -3.68 14.36
CA PRO B 104 1.03 -3.95 13.31
C PRO B 104 -0.16 -4.78 13.77
N ARG B 105 -1.28 -4.66 13.05
CA ARG B 105 -2.43 -5.54 13.25
C ARG B 105 -2.89 -5.63 14.73
N MET B 106 -3.01 -4.47 15.36
CA MET B 106 -3.64 -4.37 16.68
C MET B 106 -5.15 -4.43 16.42
N SER B 107 -5.86 -5.11 17.30
CA SER B 107 -7.28 -5.29 17.07
C SER B 107 -8.03 -4.00 17.38
N GLU B 108 -9.16 -3.81 16.70
CA GLU B 108 -10.06 -2.69 16.95
C GLU B 108 -10.44 -2.67 18.45
N LYS B 109 -10.75 -3.83 19.00
CA LYS B 109 -11.12 -3.89 20.42
C LYS B 109 -10.03 -3.32 21.33
N HIS B 110 -8.77 -3.66 21.05
CA HIS B 110 -7.67 -3.15 21.85
C HIS B 110 -7.48 -1.64 21.62
N LEU B 111 -7.60 -1.18 20.37
CA LEU B 111 -7.47 0.27 20.09
C LEU B 111 -8.57 1.06 20.81
N VAL B 112 -9.78 0.56 20.77
CA VAL B 112 -10.89 1.19 21.44
C VAL B 112 -10.67 1.24 22.93
N LYS B 113 -10.19 0.13 23.50
CA LYS B 113 -9.95 0.08 24.95
C LYS B 113 -8.89 1.10 25.39
N TYR B 114 -7.83 1.24 24.58
CA TYR B 114 -6.78 2.23 24.85
C TYR B 114 -7.41 3.63 24.95
N PHE B 115 -8.19 4.00 23.94
CA PHE B 115 -8.74 5.36 23.97
C PHE B 115 -9.78 5.53 25.07
N LYS B 116 -10.65 4.55 25.27
CA LYS B 116 -11.68 4.73 26.32
C LYS B 116 -11.04 4.82 27.69
N THR B 117 -9.93 4.11 27.91
CA THR B 117 -9.18 4.25 29.15
C THR B 117 -8.71 5.67 29.40
N LEU B 118 -8.15 6.30 28.36
CA LEU B 118 -7.76 7.69 28.48
C LEU B 118 -8.94 8.58 28.76
N CYS B 119 -10.05 8.35 28.06
CA CYS B 119 -11.22 9.18 28.29
C CYS B 119 -11.73 9.04 29.74
N GLU B 120 -11.66 7.84 30.29
CA GLU B 120 -12.22 7.60 31.62
C GLU B 120 -11.42 8.34 32.70
N VAL B 121 -10.12 8.52 32.48
CA VAL B 121 -9.29 9.21 33.46
C VAL B 121 -9.12 10.72 33.22
N SER B 122 -9.53 11.22 32.05
CA SER B 122 -9.12 12.56 31.65
C SER B 122 -9.89 13.67 32.41
N PRO B 123 -9.19 14.64 32.95
CA PRO B 123 -9.87 15.78 33.59
C PRO B 123 -10.26 16.87 32.59
N HIS B 124 -10.00 16.63 31.31
CA HIS B 124 -10.25 17.61 30.26
C HIS B 124 -10.87 16.94 29.02
N PRO B 125 -11.43 17.72 28.10
CA PRO B 125 -11.89 17.18 26.83
C PRO B 125 -10.76 16.41 26.15
N VAL B 126 -11.11 15.37 25.40
CA VAL B 126 -10.07 14.52 24.76
C VAL B 126 -10.18 14.67 23.26
N TYR B 127 -9.02 14.82 22.60
CA TYR B 127 -8.93 14.91 21.14
C TYR B 127 -8.21 13.69 20.58
N LEU B 128 -8.76 13.18 19.48
CA LEU B 128 -8.16 12.07 18.75
C LEU B 128 -7.14 12.67 17.81
N TYR B 129 -5.90 12.16 17.84
CA TYR B 129 -4.94 12.51 16.80
C TYR B 129 -4.85 11.30 15.90
N ASN B 130 -5.48 11.37 14.72
CA ASN B 130 -5.43 10.24 13.78
C ASN B 130 -4.35 10.43 12.73
N TYR B 131 -3.38 9.50 12.68
CA TYR B 131 -2.28 9.69 11.75
C TYR B 131 -1.89 8.29 11.24
N PRO B 132 -2.65 7.78 10.28
CA PRO B 132 -2.43 6.40 9.82
C PRO B 132 -1.01 6.11 9.33
N THR B 133 -0.40 7.03 8.59
CA THR B 133 0.95 6.70 8.09
C THR B 133 1.97 6.51 9.21
N ALA B 134 1.91 7.39 10.21
CA ALA B 134 2.86 7.31 11.33
C ALA B 134 2.55 6.15 12.27
N THR B 135 1.28 5.85 12.54
CA THR B 135 0.99 4.89 13.60
C THR B 135 0.66 3.49 13.10
N GLY B 136 0.35 3.39 11.82
CA GLY B 136 -0.01 2.12 11.24
C GLY B 136 -1.47 1.77 11.43
N LYS B 137 -2.24 2.64 12.08
CA LYS B 137 -3.64 2.27 12.13
C LYS B 137 -4.54 3.46 11.92
N ASP B 138 -5.79 3.18 11.59
CA ASP B 138 -6.75 4.24 11.26
C ASP B 138 -7.88 4.20 12.26
N ILE B 139 -8.05 5.28 12.99
CA ILE B 139 -9.17 5.39 13.90
C ILE B 139 -10.17 6.28 13.17
N ASP B 140 -10.95 5.68 12.27
CA ASP B 140 -11.80 6.45 11.39
C ASP B 140 -13.07 6.97 12.09
N ALA B 141 -13.95 7.59 11.31
CA ALA B 141 -15.14 8.24 11.90
C ALA B 141 -16.01 7.25 12.65
N LYS B 142 -16.07 6.02 12.14
CA LYS B 142 -16.90 4.99 12.76
C LYS B 142 -16.29 4.54 14.09
N VAL B 143 -14.98 4.34 14.09
CA VAL B 143 -14.30 3.92 15.31
C VAL B 143 -14.33 5.02 16.35
N ALA B 144 -14.20 6.27 15.91
CA ALA B 144 -14.27 7.42 16.80
C ALA B 144 -15.67 7.48 17.44
N LYS B 145 -16.70 7.23 16.65
CA LYS B 145 -18.09 7.25 17.18
C LYS B 145 -18.28 6.12 18.22
N GLU B 146 -17.72 4.94 17.94
N GLU B 146 -17.69 4.96 17.94
CA GLU B 146 -17.74 3.84 18.90
CA GLU B 146 -17.73 3.80 18.86
C GLU B 146 -17.06 4.24 20.20
C GLU B 146 -16.96 4.05 20.16
N ILE B 147 -15.86 4.81 20.09
CA ILE B 147 -15.13 5.23 21.28
C ILE B 147 -15.98 6.22 22.07
N GLY B 148 -16.54 7.20 21.37
CA GLY B 148 -17.67 7.98 21.87
C GLY B 148 -17.40 9.12 22.82
N CYS B 149 -16.14 9.40 23.10
CA CYS B 149 -15.78 10.41 24.05
C CYS B 149 -14.88 11.53 23.50
N PHE B 150 -14.65 11.56 22.19
CA PHE B 150 -13.83 12.65 21.63
C PHE B 150 -14.58 13.98 21.44
N THR B 151 -13.99 15.05 21.96
CA THR B 151 -14.43 16.43 21.69
C THR B 151 -14.00 16.88 20.29
N GLY B 152 -12.88 16.35 19.80
CA GLY B 152 -12.40 16.78 18.49
C GLY B 152 -11.42 15.76 17.94
N VAL B 153 -11.06 15.95 16.67
CA VAL B 153 -10.11 15.06 16.03
C VAL B 153 -9.23 15.93 15.17
N LYS B 154 -7.94 15.57 15.15
CA LYS B 154 -6.97 16.07 14.16
C LYS B 154 -6.70 14.88 13.23
N ASP B 155 -7.00 15.04 11.94
CA ASP B 155 -6.88 13.95 10.98
C ASP B 155 -5.75 14.28 9.99
N THR B 156 -4.64 13.58 10.14
CA THR B 156 -3.50 13.79 9.23
C THR B 156 -3.58 12.73 8.17
N ILE B 157 -4.18 13.12 7.04
CA ILE B 157 -4.44 12.19 5.95
C ILE B 157 -4.71 13.12 4.75
N GLU B 158 -4.37 12.64 3.55
N GLU B 158 -4.42 12.63 3.56
CA GLU B 158 -4.51 13.47 2.34
CA GLU B 158 -4.52 13.45 2.35
C GLU B 158 -5.91 13.38 1.76
C GLU B 158 -5.91 13.39 1.77
N ASN B 159 -6.67 12.42 2.28
CA ASN B 159 -8.01 12.13 1.77
C ASN B 159 -9.07 12.87 2.57
N ILE B 160 -9.54 13.99 2.04
CA ILE B 160 -10.38 14.86 2.80
C ILE B 160 -11.78 14.20 2.97
N ILE B 161 -12.09 13.22 2.13
CA ILE B 161 -13.37 12.45 2.33
C ILE B 161 -13.38 11.81 3.72
N HIS B 162 -12.23 11.26 4.11
CA HIS B 162 -12.07 10.62 5.42
C HIS B 162 -12.25 11.66 6.56
N THR B 163 -11.74 12.87 6.38
CA THR B 163 -11.83 13.91 7.39
C THR B 163 -13.27 14.40 7.53
N LEU B 164 -13.90 14.64 6.37
CA LEU B 164 -15.33 14.99 6.36
C LEU B 164 -16.20 13.94 7.04
N ASP B 165 -15.84 12.69 6.95
CA ASP B 165 -16.67 11.63 7.57
C ASP B 165 -16.76 11.80 9.09
N TYR B 166 -15.76 12.42 9.72
CA TYR B 166 -15.88 12.60 11.17
C TYR B 166 -17.06 13.50 11.47
N LYS B 167 -17.20 14.56 10.68
CA LYS B 167 -18.31 15.48 10.85
C LYS B 167 -19.63 14.79 10.49
N ARG B 168 -19.64 14.00 9.44
CA ARG B 168 -20.88 13.32 9.04
C ARG B 168 -21.39 12.37 10.12
N LEU B 169 -20.48 11.60 10.73
CA LEU B 169 -20.87 10.60 11.74
C LEU B 169 -20.96 11.15 13.15
N ASN B 170 -20.29 12.29 13.36
CA ASN B 170 -20.16 12.90 14.69
C ASN B 170 -20.39 14.38 14.57
N PRO B 171 -21.65 14.79 14.40
CA PRO B 171 -21.95 16.18 14.08
C PRO B 171 -21.48 17.18 15.14
N ASN B 172 -21.31 16.78 16.39
CA ASN B 172 -20.90 17.73 17.40
C ASN B 172 -19.38 17.82 17.54
N MET B 173 -18.65 16.99 16.80
CA MET B 173 -17.17 16.93 16.96
C MET B 173 -16.47 18.07 16.24
N LEU B 174 -15.38 18.62 16.84
CA LEU B 174 -14.53 19.60 16.18
C LEU B 174 -13.65 18.77 15.29
N VAL B 175 -13.55 19.15 14.02
CA VAL B 175 -12.82 18.32 13.07
C VAL B 175 -11.75 19.18 12.36
N TYR B 176 -10.49 18.82 12.59
CA TYR B 176 -9.34 19.54 12.04
C TYR B 176 -8.57 18.66 11.10
N SER B 177 -7.99 19.24 10.06
CA SER B 177 -7.05 18.48 9.21
C SER B 177 -5.62 18.72 9.70
N GLY B 178 -4.76 17.71 9.60
CA GLY B 178 -3.34 17.88 9.94
C GLY B 178 -2.47 18.25 8.75
N SER B 179 -3.15 18.62 7.66
N SER B 179 -3.08 18.58 7.61
CA SER B 179 -2.46 19.09 6.46
CA SER B 179 -2.31 18.81 6.37
C SER B 179 -2.24 20.60 6.43
C SER B 179 -2.22 20.30 5.97
N ASP B 180 -1.02 20.94 6.10
CA ASP B 180 -0.73 22.33 5.73
C ASP B 180 -1.24 22.67 4.32
N MET B 181 -1.37 21.67 3.45
N MET B 181 -1.34 21.64 3.46
CA MET B 181 -1.73 22.02 2.07
CA MET B 181 -1.68 21.89 2.05
C MET B 181 -3.23 22.13 1.87
C MET B 181 -3.20 22.09 1.86
N LEU B 182 -3.96 21.85 2.94
CA LEU B 182 -5.42 21.88 2.88
C LEU B 182 -6.03 23.00 3.71
N ILE B 183 -5.25 24.02 4.09
CA ILE B 183 -5.83 25.16 4.82
C ILE B 183 -6.99 25.85 4.09
N ALA B 184 -6.78 26.18 2.82
CA ALA B 184 -7.81 26.87 2.05
C ALA B 184 -9.04 25.97 1.91
N THR B 185 -8.78 24.71 1.60
CA THR B 185 -9.90 23.79 1.30
C THR B 185 -10.71 23.52 2.56
N VAL B 186 -10.00 23.30 3.68
CA VAL B 186 -10.68 22.99 4.94
C VAL B 186 -11.60 24.15 5.38
N ALA B 187 -11.07 25.36 5.35
CA ALA B 187 -11.86 26.54 5.66
C ALA B 187 -13.08 26.69 4.74
N SER B 188 -12.89 26.39 3.45
N SER B 188 -12.90 26.37 3.46
CA SER B 188 -13.94 26.63 2.45
CA SER B 188 -13.95 26.66 2.49
C SER B 188 -15.08 25.64 2.62
C SER B 188 -15.04 25.60 2.53
N THR B 189 -14.73 24.43 3.10
CA THR B 189 -15.69 23.32 3.01
C THR B 189 -16.44 23.06 4.31
N GLY B 190 -16.29 23.92 5.31
CA GLY B 190 -17.09 23.79 6.52
C GLY B 190 -16.49 23.01 7.67
N LEU B 191 -15.18 22.77 7.62
CA LEU B 191 -14.53 22.04 8.68
C LEU B 191 -13.93 23.06 9.65
N ASP B 192 -13.33 22.59 10.75
CA ASP B 192 -13.00 23.47 11.87
C ASP B 192 -11.60 24.05 11.87
N GLY B 193 -10.78 23.65 10.88
CA GLY B 193 -9.47 24.28 10.74
C GLY B 193 -8.35 23.25 10.61
N ASN B 194 -7.13 23.69 10.84
CA ASN B 194 -5.95 22.86 10.57
C ASN B 194 -4.96 22.93 11.70
N VAL B 195 -4.38 21.78 12.02
CA VAL B 195 -3.24 21.73 12.94
C VAL B 195 -2.06 21.61 11.97
N ALA B 196 -1.33 22.71 11.83
CA ALA B 196 -0.45 22.89 10.67
C ALA B 196 0.99 23.05 11.10
N ALA B 197 1.82 22.06 10.79
CA ALA B 197 3.26 22.14 11.14
C ALA B 197 3.94 23.41 10.61
N GLY B 198 3.63 23.78 9.38
CA GLY B 198 4.17 25.00 8.79
C GLY B 198 3.80 26.32 9.43
N SER B 199 2.78 26.32 10.29
CA SER B 199 2.46 27.54 11.02
C SER B 199 3.51 27.80 12.08
N ASN B 200 4.44 26.85 12.34
CA ASN B 200 5.55 27.19 13.22
C ASN B 200 6.40 28.28 12.60
N TYR B 201 6.61 28.20 11.30
CA TYR B 201 7.57 29.14 10.69
C TYR B 201 6.92 30.21 9.84
N LEU B 202 5.71 29.94 9.34
CA LEU B 202 4.95 30.98 8.66
C LEU B 202 3.54 31.09 9.26
N PRO B 203 3.42 31.41 10.55
CA PRO B 203 2.05 31.56 11.11
C PRO B 203 1.24 32.65 10.37
N GLU B 204 1.87 33.73 9.94
CA GLU B 204 1.12 34.78 9.24
C GLU B 204 0.55 34.29 7.91
N VAL B 205 1.26 33.38 7.23
CA VAL B 205 0.74 32.80 5.98
C VAL B 205 -0.48 31.93 6.29
N THR B 206 -0.34 31.03 7.27
CA THR B 206 -1.44 30.12 7.54
C THR B 206 -2.71 30.85 7.98
N VAL B 207 -2.56 31.87 8.82
CA VAL B 207 -3.75 32.57 9.31
C VAL B 207 -4.37 33.35 8.15
N THR B 208 -3.54 33.86 7.25
CA THR B 208 -4.07 34.65 6.13
C THR B 208 -4.79 33.76 5.11
N ILE B 209 -4.25 32.57 4.83
CA ILE B 209 -4.99 31.64 3.96
C ILE B 209 -6.40 31.42 4.54
N LYS B 210 -6.47 31.20 5.85
CA LYS B 210 -7.75 30.89 6.52
C LYS B 210 -8.67 32.11 6.39
N LYS B 211 -8.13 33.30 6.60
CA LYS B 211 -8.95 34.52 6.56
C LYS B 211 -9.52 34.73 5.17
N LEU B 212 -8.68 34.57 4.16
CA LEU B 212 -9.09 34.76 2.77
C LEU B 212 -10.15 33.76 2.37
N ALA B 213 -9.97 32.51 2.79
CA ALA B 213 -10.97 31.46 2.48
C ALA B 213 -12.33 31.79 3.13
N MET B 214 -12.29 32.25 4.38
N MET B 214 -12.30 32.29 4.36
CA MET B 214 -13.50 32.62 5.12
CA MET B 214 -13.52 32.63 5.10
C MET B 214 -14.24 33.78 4.42
C MET B 214 -14.22 33.89 4.58
N GLU B 215 -13.49 34.71 3.84
CA GLU B 215 -14.08 35.83 3.09
C GLU B 215 -14.57 35.39 1.72
N ARG B 216 -14.47 34.08 1.43
CA ARG B 216 -14.82 33.48 0.14
C ARG B 216 -13.97 33.99 -1.02
N LYS B 217 -12.78 34.50 -0.73
CA LYS B 217 -11.85 34.89 -1.76
C LYS B 217 -10.99 33.68 -2.06
N ILE B 218 -11.60 32.68 -2.70
CA ILE B 218 -10.93 31.38 -2.83
C ILE B 218 -9.73 31.44 -3.74
N ASP B 219 -9.80 32.23 -4.80
CA ASP B 219 -8.67 32.34 -5.70
C ASP B 219 -7.43 32.94 -5.02
N GLU B 220 -7.66 33.98 -4.22
CA GLU B 220 -6.59 34.63 -3.49
C GLU B 220 -6.10 33.69 -2.37
N ALA B 221 -7.03 32.99 -1.72
CA ALA B 221 -6.59 31.98 -0.73
C ALA B 221 -5.74 30.90 -1.37
N LEU B 222 -6.17 30.40 -2.54
CA LEU B 222 -5.38 29.35 -3.22
C LEU B 222 -4.00 29.82 -3.70
N LYS B 223 -3.92 31.05 -4.19
CA LYS B 223 -2.60 31.61 -4.60
C LYS B 223 -1.61 31.54 -3.43
N LEU B 224 -2.10 31.91 -2.25
CA LEU B 224 -1.28 31.90 -1.06
C LEU B 224 -1.02 30.48 -0.57
N GLN B 225 -2.07 29.65 -0.60
CA GLN B 225 -1.93 28.22 -0.26
C GLN B 225 -0.84 27.55 -1.10
N PHE B 226 -0.83 27.84 -2.41
CA PHE B 226 0.14 27.24 -3.33
C PHE B 226 1.60 27.69 -3.05
N LEU B 227 1.79 28.95 -2.64
CA LEU B 227 3.10 29.39 -2.16
C LEU B 227 3.54 28.63 -0.94
N HIS B 228 2.60 28.46 0.00
CA HIS B 228 2.88 27.72 1.22
C HIS B 228 3.23 26.28 0.90
N ASP B 229 2.50 25.70 -0.08
CA ASP B 229 2.82 24.36 -0.58
C ASP B 229 4.28 24.24 -1.01
N GLU B 230 4.78 25.25 -1.70
CA GLU B 230 6.16 25.20 -2.16
C GLU B 230 7.16 25.20 -1.00
N VAL B 231 6.80 25.85 0.10
CA VAL B 231 7.68 25.87 1.23
C VAL B 231 7.65 24.50 1.91
N ILE B 232 6.45 23.91 2.03
N ILE B 232 6.47 23.89 2.02
CA ILE B 232 6.33 22.55 2.55
CA ILE B 232 6.37 22.54 2.56
C ILE B 232 7.18 21.58 1.71
C ILE B 232 7.17 21.55 1.70
N GLU B 233 7.07 21.67 0.39
CA GLU B 233 7.87 20.82 -0.51
C GLU B 233 9.37 21.03 -0.31
N ALA B 234 9.78 22.28 -0.14
CA ALA B 234 11.21 22.53 0.08
C ALA B 234 11.67 21.90 1.42
N SER B 235 10.80 21.95 2.44
CA SER B 235 11.14 21.41 3.77
C SER B 235 11.36 19.90 3.70
N ARG B 236 10.73 19.24 2.70
CA ARG B 236 10.85 17.80 2.57
C ARG B 236 12.14 17.34 1.91
N ILE B 237 12.87 18.26 1.30
CA ILE B 237 14.12 17.86 0.58
C ILE B 237 15.08 17.11 1.51
N PHE B 238 15.34 17.67 2.69
CA PHE B 238 16.31 17.12 3.64
C PHE B 238 15.65 16.50 4.85
N GLY B 239 14.31 16.53 4.89
CA GLY B 239 13.60 15.99 6.03
C GLY B 239 12.80 17.08 6.71
N SER B 240 11.47 16.98 6.72
CA SER B 240 10.72 18.14 7.19
C SER B 240 10.92 18.44 8.69
N LEU B 241 10.94 17.42 9.52
CA LEU B 241 10.98 17.66 10.95
C LEU B 241 12.29 18.37 11.35
N SER B 242 13.37 18.05 10.65
CA SER B 242 14.63 18.76 10.83
C SER B 242 14.57 20.15 10.19
N SER B 243 14.05 20.21 8.97
CA SER B 243 14.00 21.47 8.25
C SER B 243 13.16 22.53 8.92
N ASN B 244 12.15 22.10 9.69
CA ASN B 244 11.24 23.06 10.34
C ASN B 244 12.00 23.99 11.25
N TYR B 245 13.12 23.51 11.82
CA TYR B 245 13.94 24.32 12.71
C TYR B 245 14.61 25.45 11.94
N VAL B 246 15.23 25.07 10.83
CA VAL B 246 15.91 26.03 9.95
C VAL B 246 14.93 27.09 9.41
N LEU B 247 13.74 26.63 9.01
CA LEU B 247 12.75 27.53 8.43
C LEU B 247 12.18 28.50 9.47
N THR B 248 12.05 28.07 10.72
CA THR B 248 11.55 28.98 11.74
C THR B 248 12.56 30.10 12.00
N LYS B 249 13.83 29.72 12.07
CA LYS B 249 14.88 30.69 12.28
C LYS B 249 14.94 31.65 11.12
N TYR B 250 14.83 31.12 9.90
CA TYR B 250 14.90 31.96 8.72
C TYR B 250 13.73 32.95 8.66
N PHE B 251 12.50 32.44 8.84
CA PHE B 251 11.36 33.34 8.63
C PHE B 251 10.98 34.18 9.84
N GLN B 252 11.27 33.69 11.04
CA GLN B 252 10.80 34.31 12.27
C GLN B 252 11.90 35.07 13.04
N GLY B 253 13.15 34.74 12.75
CA GLY B 253 14.30 35.47 13.28
C GLY B 253 14.80 35.07 14.65
N TYR B 254 14.33 33.96 15.20
CA TYR B 254 14.91 33.42 16.44
C TYR B 254 15.20 31.96 16.23
N ASP B 255 16.07 31.38 17.02
CA ASP B 255 16.33 29.97 16.72
C ASP B 255 15.69 29.06 17.72
N LEU B 256 15.48 27.82 17.28
CA LEU B 256 14.86 26.80 18.10
C LEU B 256 15.86 25.68 18.40
N GLY B 257 17.14 26.01 18.40
CA GLY B 257 18.14 25.03 18.83
C GLY B 257 18.22 23.84 17.88
N TYR B 258 18.22 22.63 18.44
CA TYR B 258 18.45 21.41 17.68
C TYR B 258 17.23 20.49 17.78
N PRO B 259 17.01 19.67 16.77
CA PRO B 259 16.08 18.54 16.94
C PRO B 259 16.72 17.46 17.79
N ARG B 260 16.00 16.39 18.06
CA ARG B 260 16.61 15.24 18.74
C ARG B 260 16.89 14.11 17.74
N PRO B 261 18.18 13.74 17.53
CA PRO B 261 18.57 12.58 16.72
C PRO B 261 17.86 11.29 17.16
N PRO B 262 17.37 10.43 16.27
CA PRO B 262 17.65 10.43 14.81
C PRO B 262 16.91 11.44 13.91
N ILE B 263 16.22 12.45 14.47
CA ILE B 263 15.85 13.60 13.63
C ILE B 263 17.05 14.53 13.69
N PHE B 264 18.00 14.34 12.76
CA PHE B 264 19.29 15.02 12.86
C PHE B 264 19.20 16.44 12.34
N PRO B 265 19.96 17.36 12.91
CA PRO B 265 19.93 18.74 12.40
C PRO B 265 20.47 18.84 11.01
N LEU B 266 19.99 19.81 10.22
CA LEU B 266 20.56 20.04 8.90
C LEU B 266 21.99 20.55 9.13
N ASP B 267 22.90 20.20 8.24
CA ASP B 267 24.25 20.77 8.34
C ASP B 267 24.27 22.11 7.60
N ASP B 268 25.42 22.79 7.62
CA ASP B 268 25.43 24.15 7.09
C ASP B 268 25.08 24.24 5.60
N GLU B 269 25.58 23.29 4.83
CA GLU B 269 25.33 23.22 3.39
C GLU B 269 23.85 22.94 3.06
N GLU B 270 23.23 22.04 3.81
CA GLU B 270 21.80 21.73 3.61
C GLU B 270 20.96 22.96 3.93
N GLU B 271 21.30 23.63 5.02
CA GLU B 271 20.62 24.88 5.42
C GLU B 271 20.78 25.97 4.36
N ARG B 272 22.00 26.15 3.86
CA ARG B 272 22.20 27.02 2.68
C ARG B 272 21.34 26.64 1.47
N GLN B 273 21.24 25.35 1.17
CA GLN B 273 20.49 24.90 0.01
C GLN B 273 18.99 25.10 0.23
N LEU B 274 18.54 24.86 1.46
CA LEU B 274 17.11 25.06 1.75
C LEU B 274 16.71 26.51 1.66
N ILE B 275 17.53 27.39 2.22
CA ILE B 275 17.28 28.83 2.16
C ILE B 275 17.26 29.25 0.71
N LYS B 276 18.18 28.74 -0.10
CA LYS B 276 18.12 29.01 -1.55
C LYS B 276 16.78 28.61 -2.20
N LYS B 277 16.18 27.51 -1.74
CA LYS B 277 14.91 27.07 -2.27
C LYS B 277 13.72 27.92 -1.84
N VAL B 278 13.85 28.62 -0.72
CA VAL B 278 12.68 29.39 -0.25
C VAL B 278 12.84 30.91 -0.32
N GLU B 279 14.04 31.38 -0.67
CA GLU B 279 14.34 32.80 -0.83
C GLU B 279 13.37 33.53 -1.72
N GLY B 280 13.06 32.90 -2.85
CA GLY B 280 12.17 33.47 -3.85
C GLY B 280 10.77 33.56 -3.32
N ILE B 281 10.38 32.58 -2.52
CA ILE B 281 9.02 32.58 -1.94
C ILE B 281 8.93 33.69 -0.90
N ARG B 282 9.98 33.84 -0.10
CA ARG B 282 10.02 34.92 0.87
C ARG B 282 9.83 36.27 0.13
N ALA B 283 10.54 36.45 -0.98
CA ALA B 283 10.41 37.73 -1.71
C ALA B 283 8.97 37.97 -2.17
N LYS B 284 8.29 36.92 -2.63
CA LYS B 284 6.89 37.01 -3.06
C LYS B 284 6.00 37.35 -1.87
N LEU B 285 6.32 36.79 -0.70
CA LEU B 285 5.53 37.06 0.49
C LEU B 285 5.69 38.47 1.01
N VAL B 286 6.90 39.03 0.85
CA VAL B 286 7.13 40.44 1.16
C VAL B 286 6.34 41.34 0.19
N GLU B 287 6.35 41.00 -1.08
CA GLU B 287 5.60 41.78 -2.07
C GLU B 287 4.10 41.71 -1.80
N LEU B 288 3.63 40.57 -1.31
CA LEU B 288 2.22 40.41 -0.93
C LEU B 288 1.87 41.12 0.37
N LYS B 289 2.89 41.66 1.04
CA LYS B 289 2.74 42.38 2.30
C LYS B 289 2.39 41.45 3.47
N ILE B 290 2.75 40.19 3.32
CA ILE B 290 2.52 39.23 4.39
C ILE B 290 3.69 39.22 5.33
N LEU B 291 4.89 39.34 4.79
CA LEU B 291 6.12 39.43 5.57
C LEU B 291 6.76 40.80 5.43
N LYS B 292 7.46 41.24 6.45
CA LYS B 292 8.14 42.52 6.38
C LYS B 292 9.50 42.31 5.73
N GLU B 293 9.90 43.26 4.88
CA GLU B 293 11.20 43.18 4.20
C GLU B 293 12.29 42.93 5.24
N PRO C 1 21.84 -23.71 9.89
CA PRO C 1 20.97 -22.57 10.30
C PRO C 1 20.52 -22.67 11.75
N GLU C 2 19.96 -21.57 12.25
CA GLU C 2 19.65 -21.45 13.67
C GLU C 2 18.19 -21.15 13.85
N ILE C 3 17.66 -21.51 15.01
CA ILE C 3 16.37 -20.93 15.48
C ILE C 3 16.72 -19.95 16.58
N ILE C 4 16.26 -18.71 16.47
CA ILE C 4 16.54 -17.70 17.49
C ILE C 4 15.18 -17.28 18.01
N THR C 5 15.05 -17.26 19.34
CA THR C 5 13.76 -16.83 19.95
C THR C 5 13.79 -15.36 20.27
N PRO C 6 12.85 -14.58 19.70
CA PRO C 6 12.69 -13.17 20.17
C PRO C 6 11.85 -13.29 21.44
N ILE C 7 12.53 -13.28 22.58
CA ILE C 7 11.88 -13.74 23.81
C ILE C 7 10.84 -12.76 24.34
N ILE C 8 9.74 -13.33 24.80
CA ILE C 8 8.63 -12.58 25.44
C ILE C 8 9.15 -11.94 26.71
N THR C 9 8.71 -10.70 26.97
CA THR C 9 8.96 -10.07 28.25
C THR C 9 7.73 -10.28 29.12
N PRO C 10 7.85 -11.03 30.21
CA PRO C 10 6.70 -11.25 31.08
C PRO C 10 6.52 -10.04 31.98
N PHE C 11 5.30 -9.54 32.10
CA PHE C 11 5.03 -8.43 33.00
C PHE C 11 4.22 -8.92 34.20
N THR C 12 4.48 -8.29 35.34
CA THR C 12 3.73 -8.60 36.56
C THR C 12 2.33 -7.99 36.48
N LYS C 13 1.50 -8.35 37.45
CA LYS C 13 0.17 -7.72 37.57
C LYS C 13 0.23 -6.21 37.71
N ASP C 14 1.32 -5.69 38.25
CA ASP C 14 1.54 -4.24 38.38
C ASP C 14 2.45 -3.64 37.30
N ASN C 15 2.51 -4.32 36.15
CA ASN C 15 3.17 -3.71 34.96
C ASN C 15 4.67 -3.43 35.08
N ARG C 16 5.38 -4.33 35.79
CA ARG C 16 6.86 -4.35 35.84
C ARG C 16 7.36 -5.65 35.23
N ILE C 17 8.63 -5.64 34.81
CA ILE C 17 9.20 -6.88 34.29
C ILE C 17 9.28 -7.93 35.41
N ASP C 18 8.78 -9.13 35.13
CA ASP C 18 8.84 -10.24 36.09
C ASP C 18 10.11 -11.00 35.77
N LYS C 19 11.17 -10.66 36.50
CA LYS C 19 12.50 -11.20 36.19
C LYS C 19 12.57 -12.70 36.40
N GLU C 20 11.86 -13.20 37.42
CA GLU C 20 11.89 -14.62 37.70
C GLU C 20 11.22 -15.46 36.64
N LYS C 21 10.05 -15.03 36.18
CA LYS C 21 9.38 -15.73 35.08
C LYS C 21 10.20 -15.70 33.79
N LEU C 22 10.89 -14.58 33.54
CA LEU C 22 11.72 -14.43 32.35
C LEU C 22 12.87 -15.43 32.42
N LYS C 23 13.50 -15.53 33.58
CA LYS C 23 14.56 -16.54 33.73
C LYS C 23 14.13 -18.01 33.52
N ILE C 24 12.94 -18.36 34.02
N ILE C 24 12.96 -18.42 34.05
CA ILE C 24 12.34 -19.71 33.85
CA ILE C 24 12.44 -19.79 33.79
C ILE C 24 12.08 -20.01 32.37
C ILE C 24 12.29 -19.96 32.28
N HIS C 25 11.65 -18.98 31.65
CA HIS C 25 11.35 -19.11 30.22
C HIS C 25 12.66 -19.24 29.41
N ALA C 26 13.65 -18.40 29.70
CA ALA C 26 14.94 -18.42 29.00
C ALA C 26 15.64 -19.74 29.21
N GLU C 27 15.61 -20.23 30.44
CA GLU C 27 16.14 -21.57 30.74
C GLU C 27 15.53 -22.67 29.91
N ASN C 28 14.21 -22.64 29.81
CA ASN C 28 13.50 -23.64 29.07
C ASN C 28 13.85 -23.58 27.59
N LEU C 29 13.90 -22.37 27.05
CA LEU C 29 14.26 -22.25 25.64
C LEU C 29 15.62 -22.81 25.32
N ILE C 30 16.61 -22.45 26.14
CA ILE C 30 17.97 -22.96 25.90
C ILE C 30 18.02 -24.49 26.02
N ARG C 31 17.33 -25.05 27.01
CA ARG C 31 17.28 -26.48 27.25
C ARG C 31 16.68 -27.23 26.08
N LYS C 32 15.70 -26.60 25.41
CA LYS C 32 15.04 -27.22 24.28
C LYS C 32 15.74 -26.99 22.93
N GLY C 33 16.95 -26.43 22.94
CA GLY C 33 17.75 -26.38 21.74
C GLY C 33 17.73 -25.10 20.93
N ILE C 34 17.09 -24.05 21.48
CA ILE C 34 17.12 -22.76 20.81
C ILE C 34 18.55 -22.23 20.78
N ASP C 35 18.98 -21.73 19.63
CA ASP C 35 20.37 -21.28 19.47
C ASP C 35 20.74 -20.03 20.24
N LYS C 36 19.87 -19.01 20.21
CA LYS C 36 20.19 -17.67 20.73
C LYS C 36 18.87 -16.99 21.10
N LEU C 37 18.93 -16.00 21.98
CA LEU C 37 17.73 -15.23 22.37
C LEU C 37 17.91 -13.79 21.94
N PHE C 38 16.86 -13.24 21.28
CA PHE C 38 16.87 -11.88 20.82
C PHE C 38 15.99 -11.14 21.82
N VAL C 39 16.60 -10.22 22.53
CA VAL C 39 16.01 -9.57 23.69
C VAL C 39 15.56 -8.15 23.33
N ASN C 40 14.34 -7.78 23.73
CA ASN C 40 13.75 -6.46 23.45
C ASN C 40 13.37 -6.30 21.99
N GLY C 41 12.94 -7.41 21.37
CA GLY C 41 12.46 -7.38 19.99
C GLY C 41 10.98 -7.02 19.96
N THR C 42 10.32 -7.12 18.79
CA THR C 42 8.87 -6.87 18.77
C THR C 42 8.12 -7.79 19.72
N THR C 43 8.45 -9.08 19.67
CA THR C 43 7.75 -10.08 20.47
C THR C 43 7.93 -9.82 21.96
N GLY C 44 9.06 -9.21 22.33
CA GLY C 44 9.32 -8.80 23.70
C GLY C 44 8.83 -7.41 24.08
N LEU C 45 8.01 -6.83 23.19
CA LEU C 45 7.51 -5.44 23.37
C LEU C 45 8.61 -4.40 23.59
N GLY C 46 9.72 -4.54 22.85
CA GLY C 46 10.84 -3.59 22.96
C GLY C 46 10.44 -2.12 22.92
N PRO C 47 9.66 -1.74 21.90
CA PRO C 47 9.21 -0.35 21.79
C PRO C 47 8.41 0.13 23.01
N SER C 48 7.89 -0.78 23.83
CA SER C 48 7.09 -0.38 25.02
C SER C 48 7.95 -0.28 26.27
N LEU C 49 9.24 -0.61 26.14
CA LEU C 49 10.16 -0.61 27.28
C LEU C 49 11.01 0.66 27.30
N SER C 50 11.17 1.24 28.48
CA SER C 50 12.11 2.32 28.67
C SER C 50 13.54 1.79 28.47
N PRO C 51 14.51 2.66 28.24
CA PRO C 51 15.92 2.23 28.20
C PRO C 51 16.31 1.44 29.47
N GLU C 52 15.85 1.88 30.64
CA GLU C 52 16.16 1.15 31.88
C GLU C 52 15.61 -0.27 31.87
N GLU C 53 14.39 -0.42 31.35
CA GLU C 53 13.73 -1.71 31.24
C GLU C 53 14.42 -2.60 30.20
N LYS C 54 14.85 -2.01 29.07
CA LYS C 54 15.58 -2.79 28.08
C LYS C 54 16.83 -3.38 28.73
N LEU C 55 17.49 -2.61 29.59
CA LEU C 55 18.67 -3.13 30.33
C LEU C 55 18.31 -4.20 31.38
N GLU C 56 17.24 -3.97 32.13
CA GLU C 56 16.75 -4.97 33.10
C GLU C 56 16.50 -6.33 32.38
N ASN C 57 15.91 -6.28 31.19
CA ASN C 57 15.69 -7.51 30.44
C ASN C 57 17.01 -8.19 30.14
N LEU C 58 17.99 -7.41 29.67
CA LEU C 58 19.29 -7.98 29.30
C LEU C 58 19.85 -8.66 30.55
N LYS C 59 19.78 -7.95 31.67
CA LYS C 59 20.40 -8.50 32.90
C LYS C 59 19.77 -9.82 33.32
N ALA C 60 18.44 -9.90 33.30
CA ALA C 60 17.74 -11.14 33.64
C ALA C 60 18.13 -12.31 32.76
N VAL C 61 18.12 -12.11 31.43
CA VAL C 61 18.44 -13.18 30.50
C VAL C 61 19.91 -13.61 30.62
N TYR C 62 20.76 -12.63 30.87
CA TYR C 62 22.19 -12.86 30.95
C TYR C 62 22.55 -13.71 32.17
N ASP C 63 21.67 -13.75 33.17
CA ASP C 63 21.89 -14.70 34.28
C ASP C 63 21.78 -16.13 33.80
N VAL C 64 21.04 -16.36 32.70
CA VAL C 64 20.81 -17.68 32.14
C VAL C 64 21.85 -18.09 31.07
N THR C 65 22.22 -17.14 30.20
CA THR C 65 23.00 -17.48 29.01
C THR C 65 23.77 -16.27 28.47
N ASN C 66 24.88 -16.55 27.76
CA ASN C 66 25.61 -15.52 27.03
C ASN C 66 24.99 -15.38 25.62
N LYS C 67 24.11 -16.29 25.24
CA LYS C 67 23.71 -16.46 23.83
C LYS C 67 22.59 -15.45 23.52
N ILE C 68 22.96 -14.17 23.58
CA ILE C 68 21.98 -13.08 23.49
C ILE C 68 22.34 -12.10 22.41
N ILE C 69 21.30 -11.66 21.67
CA ILE C 69 21.41 -10.48 20.82
C ILE C 69 20.52 -9.42 21.46
N PHE C 70 21.13 -8.29 21.80
CA PHE C 70 20.50 -7.26 22.67
C PHE C 70 19.97 -6.14 21.81
N GLN C 71 18.64 -6.03 21.69
CA GLN C 71 18.07 -4.93 20.87
C GLN C 71 18.00 -3.64 21.71
N VAL C 72 18.45 -2.55 21.12
CA VAL C 72 18.68 -1.32 21.87
C VAL C 72 18.06 -0.07 21.26
N GLY C 73 17.38 -0.25 20.14
CA GLY C 73 17.03 0.94 19.36
C GLY C 73 15.86 1.75 19.94
N GLY C 74 15.71 2.96 19.44
CA GLY C 74 14.59 3.81 19.84
C GLY C 74 14.75 5.20 19.25
N LEU C 75 13.86 6.10 19.65
CA LEU C 75 13.82 7.44 19.09
C LEU C 75 14.61 8.49 19.85
N ASN C 76 15.39 8.06 20.85
CA ASN C 76 16.36 8.95 21.45
C ASN C 76 17.72 8.28 21.26
N LEU C 77 18.49 8.76 20.29
CA LEU C 77 19.72 8.07 19.91
C LEU C 77 20.72 8.06 21.08
N ASP C 78 20.70 9.11 21.92
CA ASP C 78 21.56 9.11 23.14
C ASP C 78 21.29 7.90 24.03
N ASP C 79 20.02 7.52 24.16
CA ASP C 79 19.66 6.39 25.01
C ASP C 79 20.11 5.11 24.36
N ALA C 80 20.02 5.03 23.02
CA ALA C 80 20.40 3.80 22.36
C ALA C 80 21.94 3.68 22.45
N ILE C 81 22.64 4.79 22.29
CA ILE C 81 24.12 4.78 22.43
C ILE C 81 24.53 4.34 23.83
N ARG C 82 23.84 4.85 24.85
N ARG C 82 23.83 4.85 24.85
CA ARG C 82 24.15 4.48 26.24
CA ARG C 82 24.13 4.50 26.25
C ARG C 82 23.96 2.99 26.45
C ARG C 82 23.94 3.00 26.47
N LEU C 83 22.85 2.44 25.94
CA LEU C 83 22.63 0.99 26.03
C LEU C 83 23.72 0.23 25.28
N ALA C 84 24.10 0.71 24.09
CA ALA C 84 25.17 0.03 23.34
C ALA C 84 26.47 0.00 24.14
N LYS C 85 26.80 1.13 24.73
CA LYS C 85 28.06 1.19 25.53
C LYS C 85 27.98 0.32 26.77
N LEU C 86 26.82 0.27 27.43
CA LEU C 86 26.66 -0.51 28.67
C LEU C 86 26.77 -2.01 28.39
N SER C 87 26.49 -2.41 27.15
CA SER C 87 26.56 -3.82 26.77
C SER C 87 28.02 -4.33 26.79
N LYS C 88 28.97 -3.41 26.90
CA LYS C 88 30.40 -3.79 26.99
C LYS C 88 30.64 -4.76 28.15
N ASP C 89 29.85 -4.64 29.21
CA ASP C 89 30.07 -5.48 30.40
C ASP C 89 29.46 -6.87 30.32
N PHE C 90 28.88 -7.19 29.18
CA PHE C 90 28.17 -8.44 28.98
C PHE C 90 28.78 -9.20 27.81
N ASP C 91 29.08 -10.47 28.05
N ASP C 91 29.10 -10.48 28.02
CA ASP C 91 29.70 -11.32 27.06
CA ASP C 91 29.74 -11.31 27.01
C ASP C 91 28.66 -11.92 26.12
C ASP C 91 28.72 -11.93 26.06
N ILE C 92 28.00 -11.07 25.33
CA ILE C 92 26.91 -11.52 24.49
C ILE C 92 27.29 -11.57 23.01
N VAL C 93 26.33 -12.04 22.22
CA VAL C 93 26.58 -12.30 20.80
C VAL C 93 26.68 -11.01 20.00
N GLY C 94 25.76 -10.06 20.28
CA GLY C 94 25.72 -8.84 19.53
C GLY C 94 24.65 -7.90 20.09
N ILE C 95 24.61 -6.71 19.53
CA ILE C 95 23.49 -5.76 19.80
C ILE C 95 22.73 -5.63 18.47
N ALA C 96 21.55 -5.03 18.54
CA ALA C 96 20.71 -4.92 17.34
C ALA C 96 19.91 -3.67 17.44
N SER C 97 19.45 -3.17 16.29
CA SER C 97 18.43 -2.12 16.35
C SER C 97 17.49 -2.24 15.16
N TYR C 98 16.21 -1.97 15.43
CA TYR C 98 15.29 -1.67 14.32
C TYR C 98 15.52 -0.21 13.87
N ALA C 99 14.95 0.13 12.73
CA ALA C 99 15.03 1.49 12.24
C ALA C 99 14.16 2.43 13.09
N PRO C 100 14.50 3.70 13.14
CA PRO C 100 13.69 4.70 13.85
C PRO C 100 12.26 4.63 13.35
N TYR C 101 11.32 4.41 14.26
CA TYR C 101 9.94 4.15 13.81
C TYR C 101 9.11 5.42 13.93
N TYR C 102 7.81 5.28 13.66
CA TYR C 102 6.85 6.41 13.72
C TYR C 102 7.00 7.42 12.63
N TYR C 103 8.07 8.23 12.65
CA TYR C 103 8.19 9.39 11.75
C TYR C 103 8.27 8.95 10.29
N PRO C 104 7.31 9.34 9.46
CA PRO C 104 7.41 9.05 8.02
C PRO C 104 8.44 9.93 7.30
N ARG C 105 8.82 9.51 6.09
CA ARG C 105 9.65 10.32 5.19
C ARG C 105 10.97 10.72 5.83
N MET C 106 11.58 9.78 6.56
CA MET C 106 12.96 10.00 7.03
C MET C 106 13.95 9.76 5.88
N SER C 107 14.90 10.66 5.70
CA SER C 107 15.81 10.53 4.58
C SER C 107 16.73 9.33 4.71
N GLU C 108 17.19 8.79 3.57
CA GLU C 108 18.15 7.69 3.59
C GLU C 108 19.39 8.08 4.39
N LYS C 109 19.86 9.31 4.21
CA LYS C 109 21.09 9.77 4.88
C LYS C 109 20.95 9.74 6.39
N HIS C 110 19.76 10.10 6.88
CA HIS C 110 19.54 10.13 8.33
C HIS C 110 19.43 8.70 8.85
N LEU C 111 18.81 7.81 8.07
CA LEU C 111 18.70 6.39 8.45
C LEU C 111 20.06 5.75 8.52
N VAL C 112 20.90 6.04 7.52
CA VAL C 112 22.26 5.50 7.49
C VAL C 112 23.05 6.04 8.70
N LYS C 113 22.90 7.34 9.00
CA LYS C 113 23.65 7.97 10.10
C LYS C 113 23.27 7.37 11.46
N TYR C 114 21.98 7.12 11.66
CA TYR C 114 21.52 6.43 12.86
C TYR C 114 22.26 5.11 13.08
N PHE C 115 22.29 4.26 12.06
CA PHE C 115 22.89 2.94 12.20
C PHE C 115 24.42 3.04 12.31
N LYS C 116 25.02 3.93 11.54
CA LYS C 116 26.49 4.11 11.62
C LYS C 116 26.92 4.61 12.98
N THR C 117 26.09 5.45 13.59
CA THR C 117 26.38 5.98 14.91
C THR C 117 26.41 4.83 15.91
N LEU C 118 25.43 3.93 15.83
CA LEU C 118 25.43 2.77 16.74
C LEU C 118 26.63 1.86 16.47
N CYS C 119 26.99 1.69 15.21
CA CYS C 119 28.11 0.80 14.90
C CYS C 119 29.39 1.35 15.50
N GLU C 120 29.54 2.69 15.43
CA GLU C 120 30.74 3.38 15.94
C GLU C 120 30.94 3.22 17.46
N VAL C 121 29.86 3.14 18.22
CA VAL C 121 29.97 3.02 19.68
C VAL C 121 29.86 1.57 20.19
N SER C 122 29.52 0.63 19.32
CA SER C 122 29.20 -0.70 19.77
C SER C 122 30.44 -1.51 20.13
N PRO C 123 30.45 -2.08 21.34
CA PRO C 123 31.52 -3.01 21.73
C PRO C 123 31.32 -4.44 21.22
N HIS C 124 30.22 -4.70 20.50
CA HIS C 124 29.84 -6.03 20.00
C HIS C 124 29.42 -5.92 18.54
N PRO C 125 29.37 -7.06 17.82
CA PRO C 125 28.78 -7.09 16.48
C PRO C 125 27.36 -6.55 16.50
N VAL C 126 26.95 -5.90 15.39
CA VAL C 126 25.66 -5.21 15.35
C VAL C 126 24.81 -5.89 14.30
N TYR C 127 23.53 -6.11 14.64
CA TYR C 127 22.60 -6.78 13.75
C TYR C 127 21.51 -5.80 13.38
N LEU C 128 21.16 -5.78 12.09
CA LEU C 128 20.04 -4.96 11.61
C LEU C 128 18.75 -5.72 11.86
N TYR C 129 17.76 -5.06 12.48
CA TYR C 129 16.42 -5.65 12.53
C TYR C 129 15.59 -4.83 11.54
N ASN C 130 15.31 -5.45 10.39
CA ASN C 130 14.54 -4.78 9.35
C ASN C 130 13.09 -5.22 9.45
N TYR C 131 12.19 -4.26 9.72
CA TYR C 131 10.78 -4.57 9.84
C TYR C 131 10.01 -3.37 9.25
N PRO C 132 9.88 -3.35 7.93
CA PRO C 132 9.18 -2.21 7.29
C PRO C 132 7.75 -1.96 7.74
N THR C 133 6.96 -2.98 7.98
CA THR C 133 5.56 -2.69 8.33
C THR C 133 5.50 -2.00 9.69
N ALA C 134 6.35 -2.43 10.63
CA ALA C 134 6.33 -1.83 11.96
C ALA C 134 6.99 -0.47 11.98
N THR C 135 8.09 -0.28 11.25
CA THR C 135 8.85 0.96 11.45
C THR C 135 8.55 2.05 10.43
N GLY C 136 7.96 1.63 9.32
CA GLY C 136 7.67 2.52 8.21
C GLY C 136 8.81 2.73 7.26
N LYS C 137 9.94 2.06 7.50
CA LYS C 137 10.99 2.13 6.52
C LYS C 137 11.70 0.82 6.24
N ASP C 138 12.39 0.81 5.12
CA ASP C 138 13.06 -0.38 4.64
C ASP C 138 14.54 -0.11 4.54
N ILE C 139 15.30 -0.89 5.28
CA ILE C 139 16.76 -0.85 5.15
C ILE C 139 17.11 -2.10 4.37
N ASP C 140 17.09 -1.99 3.04
CA ASP C 140 17.23 -3.16 2.17
C ASP C 140 18.71 -3.56 2.01
N ALA C 141 18.96 -4.60 1.23
CA ALA C 141 20.32 -5.12 1.08
C ALA C 141 21.33 -4.09 0.61
N LYS C 142 20.88 -3.19 -0.28
CA LYS C 142 21.67 -2.05 -0.71
C LYS C 142 22.03 -1.09 0.43
N VAL C 143 21.03 -0.68 1.21
CA VAL C 143 21.26 0.29 2.26
C VAL C 143 22.16 -0.37 3.32
N ALA C 144 21.90 -1.65 3.57
CA ALA C 144 22.68 -2.44 4.51
C ALA C 144 24.15 -2.47 4.07
N LYS C 145 24.40 -2.64 2.77
CA LYS C 145 25.78 -2.68 2.27
C LYS C 145 26.48 -1.30 2.43
N GLU C 146 25.73 -0.23 2.14
CA GLU C 146 26.19 1.16 2.32
C GLU C 146 26.48 1.48 3.80
N ILE C 147 25.63 1.01 4.71
CA ILE C 147 25.92 1.18 6.12
C ILE C 147 27.23 0.43 6.48
N GLY C 148 27.36 -0.81 6.01
CA GLY C 148 28.66 -1.49 5.96
C GLY C 148 29.17 -2.20 7.20
N CYS C 149 28.43 -2.06 8.30
CA CYS C 149 28.95 -2.54 9.58
C CYS C 149 28.11 -3.64 10.17
N PHE C 150 27.19 -4.24 9.40
CA PHE C 150 26.31 -5.23 10.05
C PHE C 150 26.88 -6.64 9.99
N THR C 151 26.89 -7.34 11.12
CA THR C 151 27.26 -8.76 11.15
C THR C 151 26.14 -9.65 10.62
N GLY C 152 24.89 -9.18 10.79
CA GLY C 152 23.76 -10.01 10.44
C GLY C 152 22.52 -9.13 10.30
N VAL C 153 21.48 -9.73 9.74
CA VAL C 153 20.19 -9.07 9.55
C VAL C 153 19.07 -10.02 9.91
N LYS C 154 18.02 -9.48 10.57
CA LYS C 154 16.78 -10.18 10.72
C LYS C 154 15.80 -9.42 9.85
N ASP C 155 15.20 -10.10 8.88
CA ASP C 155 14.32 -9.46 7.90
C ASP C 155 12.89 -9.97 8.11
N THR C 156 12.02 -9.10 8.63
CA THR C 156 10.60 -9.36 8.83
C THR C 156 9.81 -8.66 7.73
N ILE C 157 9.49 -9.43 6.70
CA ILE C 157 8.88 -8.86 5.49
C ILE C 157 8.16 -9.97 4.75
N GLU C 158 7.19 -9.56 3.95
N GLU C 158 7.15 -9.64 3.95
CA GLU C 158 6.43 -10.48 3.14
CA GLU C 158 6.47 -10.69 3.18
C GLU C 158 7.09 -10.48 1.75
C GLU C 158 7.03 -10.75 1.75
N ASN C 159 8.33 -11.01 1.68
CA ASN C 159 9.07 -10.94 0.43
C ASN C 159 10.43 -11.65 0.60
N ILE C 160 10.51 -12.95 0.30
CA ILE C 160 11.77 -13.70 0.51
C ILE C 160 12.83 -13.30 -0.52
N ILE C 161 12.42 -12.76 -1.65
CA ILE C 161 13.43 -12.24 -2.59
C ILE C 161 14.25 -11.13 -1.90
N HIS C 162 13.57 -10.26 -1.17
CA HIS C 162 14.22 -9.16 -0.40
C HIS C 162 15.22 -9.74 0.61
N THR C 163 14.84 -10.81 1.26
CA THR C 163 15.70 -11.45 2.28
C THR C 163 16.94 -12.09 1.61
N LEU C 164 16.71 -12.81 0.51
CA LEU C 164 17.82 -13.40 -0.27
C LEU C 164 18.78 -12.33 -0.79
N ASP C 165 18.25 -11.14 -1.11
CA ASP C 165 19.12 -10.08 -1.62
C ASP C 165 20.20 -9.68 -0.62
N TYR C 166 19.96 -9.81 0.70
CA TYR C 166 21.04 -9.47 1.65
C TYR C 166 22.24 -10.38 1.43
N LYS C 167 21.96 -11.65 1.18
CA LYS C 167 23.00 -12.64 0.89
C LYS C 167 23.70 -12.34 -0.45
N ARG C 168 22.90 -12.01 -1.46
CA ARG C 168 23.46 -11.67 -2.77
C ARG C 168 24.46 -10.49 -2.73
N LEU C 169 24.11 -9.47 -1.96
N LEU C 169 24.11 -9.45 -1.98
CA LEU C 169 24.85 -8.22 -1.93
CA LEU C 169 24.94 -8.24 -1.96
C LEU C 169 25.84 -8.12 -0.77
C LEU C 169 25.99 -8.28 -0.86
N ASN C 170 25.71 -9.05 0.20
CA ASN C 170 26.57 -9.07 1.41
C ASN C 170 26.83 -10.54 1.76
N PRO C 171 27.68 -11.17 0.96
CA PRO C 171 27.90 -12.62 1.08
C PRO C 171 28.34 -13.13 2.45
N ASN C 172 28.98 -12.28 3.24
CA ASN C 172 29.47 -12.72 4.55
C ASN C 172 28.50 -12.44 5.70
N MET C 173 27.38 -11.79 5.37
CA MET C 173 26.39 -11.41 6.39
C MET C 173 25.55 -12.60 6.77
N LEU C 174 25.26 -12.77 8.07
CA LEU C 174 24.28 -13.75 8.53
C LEU C 174 22.91 -13.18 8.21
N VAL C 175 22.06 -13.99 7.56
CA VAL C 175 20.76 -13.52 7.09
C VAL C 175 19.67 -14.41 7.66
N TYR C 176 18.87 -13.85 8.56
CA TYR C 176 17.75 -14.53 9.17
C TYR C 176 16.40 -14.00 8.72
N SER C 177 15.44 -14.88 8.59
CA SER C 177 14.04 -14.46 8.42
C SER C 177 13.33 -14.29 9.76
N GLY C 178 12.49 -13.26 9.88
CA GLY C 178 11.66 -13.04 11.05
C GLY C 178 10.34 -13.83 11.05
N SER C 179 10.21 -14.84 10.21
CA SER C 179 8.92 -15.57 10.08
C SER C 179 9.00 -16.98 10.60
N ASP C 180 8.02 -17.33 11.43
CA ASP C 180 7.79 -18.72 11.76
C ASP C 180 7.38 -19.61 10.58
N MET C 181 6.79 -19.03 9.55
CA MET C 181 6.20 -19.84 8.47
C MET C 181 7.24 -20.19 7.41
N LEU C 182 8.44 -19.67 7.58
CA LEU C 182 9.52 -19.89 6.61
C LEU C 182 10.68 -20.70 7.17
N ILE C 183 10.48 -21.43 8.27
CA ILE C 183 11.58 -22.24 8.81
C ILE C 183 12.06 -23.35 7.83
N ALA C 184 11.14 -24.11 7.26
CA ALA C 184 11.49 -25.16 6.28
C ALA C 184 12.17 -24.51 5.09
N THR C 185 11.61 -23.41 4.62
CA THR C 185 12.11 -22.81 3.39
C THR C 185 13.49 -22.22 3.60
N VAL C 186 13.69 -21.50 4.71
CA VAL C 186 14.98 -20.86 4.99
C VAL C 186 16.10 -21.88 5.03
N ALA C 187 15.85 -22.98 5.73
CA ALA C 187 16.83 -24.03 5.86
C ALA C 187 17.13 -24.70 4.50
N SER C 188 16.12 -24.80 3.64
N SER C 188 16.13 -24.83 3.62
CA SER C 188 16.22 -25.45 2.33
CA SER C 188 16.36 -25.48 2.32
C SER C 188 16.92 -24.60 1.29
C SER C 188 17.08 -24.59 1.32
N THR C 189 16.94 -23.28 1.48
CA THR C 189 17.43 -22.34 0.46
C THR C 189 18.75 -21.62 0.77
N GLY C 190 19.48 -22.10 1.78
CA GLY C 190 20.80 -21.51 2.06
C GLY C 190 20.87 -20.25 2.93
N LEU C 191 19.79 -19.93 3.64
CA LEU C 191 19.85 -18.79 4.56
C LEU C 191 20.18 -19.30 5.96
N ASP C 192 20.35 -18.37 6.89
CA ASP C 192 21.03 -18.72 8.15
C ASP C 192 20.10 -19.07 9.31
N GLY C 193 18.79 -18.90 9.14
CA GLY C 193 17.84 -19.36 10.15
C GLY C 193 16.71 -18.37 10.33
N ASN C 194 16.00 -18.54 11.43
CA ASN C 194 14.77 -17.78 11.63
C ASN C 194 14.80 -17.22 13.03
N VAL C 195 14.37 -15.97 13.15
CA VAL C 195 14.10 -15.43 14.46
C VAL C 195 12.57 -15.54 14.58
N ALA C 196 12.09 -16.51 15.37
CA ALA C 196 10.70 -16.99 15.24
C ALA C 196 9.94 -16.80 16.52
N ALA C 197 8.93 -15.93 16.49
CA ALA C 197 8.14 -15.64 17.69
C ALA C 197 7.50 -16.91 18.21
N GLY C 198 7.05 -17.78 17.32
CA GLY C 198 6.36 -19.01 17.73
C GLY C 198 7.30 -20.01 18.42
N SER C 199 8.63 -19.76 18.36
CA SER C 199 9.55 -20.62 19.10
C SER C 199 9.48 -20.34 20.62
N ASN C 200 8.86 -19.23 21.03
CA ASN C 200 8.59 -19.03 22.49
C ASN C 200 7.73 -20.14 23.04
N TYR C 201 6.75 -20.56 22.25
CA TYR C 201 5.78 -21.53 22.75
C TYR C 201 5.88 -22.95 22.21
N LEU C 202 6.52 -23.10 21.05
CA LEU C 202 6.75 -24.41 20.46
C LEU C 202 8.22 -24.50 19.99
N PRO C 203 9.18 -24.29 20.89
CA PRO C 203 10.60 -24.38 20.47
C PRO C 203 10.86 -25.76 19.87
N GLU C 204 10.21 -26.80 20.40
CA GLU C 204 10.43 -28.18 19.92
C GLU C 204 10.05 -28.27 18.45
N VAL C 205 8.91 -27.69 18.10
CA VAL C 205 8.48 -27.74 16.70
C VAL C 205 9.44 -26.98 15.78
N THR C 206 9.82 -25.78 16.19
CA THR C 206 10.67 -24.95 15.31
C THR C 206 12.03 -25.63 15.09
N VAL C 207 12.57 -26.23 16.14
CA VAL C 207 13.88 -26.88 16.00
C VAL C 207 13.75 -28.15 15.16
N THR C 208 12.62 -28.82 15.28
CA THR C 208 12.37 -30.04 14.51
C THR C 208 12.18 -29.74 13.02
N ILE C 209 11.38 -28.72 12.71
CA ILE C 209 11.26 -28.33 11.27
C ILE C 209 12.65 -28.10 10.66
N LYS C 210 13.46 -27.28 11.32
CA LYS C 210 14.79 -26.97 10.85
C LYS C 210 15.65 -28.24 10.65
N LYS C 211 15.61 -29.12 11.63
CA LYS C 211 16.35 -30.41 11.53
C LYS C 211 15.92 -31.25 10.31
N LEU C 212 14.60 -31.40 10.15
CA LEU C 212 14.06 -32.15 9.02
C LEU C 212 14.50 -31.55 7.67
N ALA C 213 14.44 -30.21 7.57
CA ALA C 213 14.85 -29.56 6.33
C ALA C 213 16.35 -29.71 6.06
N MET C 214 17.16 -29.67 7.11
N MET C 214 17.14 -29.66 7.12
CA MET C 214 18.61 -29.84 6.94
CA MET C 214 18.59 -29.86 7.00
C MET C 214 18.97 -31.28 6.57
C MET C 214 18.88 -31.26 6.47
N GLU C 215 18.09 -32.23 6.92
CA GLU C 215 18.22 -33.65 6.53
C GLU C 215 17.65 -33.92 5.13
N ARG C 216 17.13 -32.88 4.49
CA ARG C 216 16.59 -32.93 3.12
C ARG C 216 15.28 -33.69 3.04
N LYS C 217 14.62 -33.82 4.19
CA LYS C 217 13.31 -34.43 4.27
C LYS C 217 12.29 -33.32 4.12
N ILE C 218 12.24 -32.73 2.94
CA ILE C 218 11.43 -31.52 2.74
C ILE C 218 9.92 -31.79 2.89
N ASP C 219 9.43 -32.93 2.43
CA ASP C 219 8.01 -33.24 2.59
C ASP C 219 7.65 -33.32 4.07
N GLU C 220 8.51 -33.96 4.84
CA GLU C 220 8.27 -34.12 6.27
C GLU C 220 8.37 -32.78 6.98
N ALA C 221 9.36 -31.98 6.57
CA ALA C 221 9.54 -30.63 7.11
C ALA C 221 8.34 -29.75 6.82
N LEU C 222 7.83 -29.83 5.57
CA LEU C 222 6.64 -29.07 5.21
C LEU C 222 5.42 -29.47 6.00
N LYS C 223 5.27 -30.78 6.22
CA LYS C 223 4.07 -31.27 6.95
C LYS C 223 4.06 -30.64 8.37
N LEU C 224 5.22 -30.65 9.01
CA LEU C 224 5.39 -30.05 10.33
C LEU C 224 5.27 -28.51 10.29
N GLN C 225 5.88 -27.90 9.26
CA GLN C 225 5.77 -26.46 9.04
C GLN C 225 4.30 -26.03 8.93
N PHE C 226 3.52 -26.84 8.23
CA PHE C 226 2.14 -26.49 7.95
C PHE C 226 1.28 -26.61 9.21
N LEU C 227 1.64 -27.56 10.08
CA LEU C 227 1.02 -27.62 11.39
C LEU C 227 1.34 -26.36 12.23
N HIS C 228 2.60 -25.97 12.24
CA HIS C 228 3.03 -24.79 12.96
C HIS C 228 2.30 -23.57 12.44
N ASP C 229 2.16 -23.47 11.11
CA ASP C 229 1.43 -22.36 10.51
C ASP C 229 0.02 -22.19 11.09
N GLU C 230 -0.64 -23.32 11.36
CA GLU C 230 -2.00 -23.26 11.91
C GLU C 230 -2.02 -22.66 13.31
N VAL C 231 -1.00 -22.99 14.11
CA VAL C 231 -0.85 -22.33 15.42
C VAL C 231 -0.62 -20.82 15.26
N ILE C 232 0.31 -20.44 14.38
CA ILE C 232 0.56 -19.02 14.09
C ILE C 232 -0.75 -18.31 13.70
N GLU C 233 -1.50 -18.90 12.76
CA GLU C 233 -2.80 -18.34 12.39
C GLU C 233 -3.75 -18.22 13.55
N ALA C 234 -3.83 -19.24 14.41
CA ALA C 234 -4.69 -19.14 15.60
C ALA C 234 -4.28 -17.98 16.52
N SER C 235 -2.96 -17.77 16.69
CA SER C 235 -2.44 -16.71 17.53
C SER C 235 -2.85 -15.32 17.04
N ARG C 236 -3.10 -15.20 15.74
CA ARG C 236 -3.46 -13.91 15.15
C ARG C 236 -4.91 -13.51 15.35
N ILE C 237 -5.77 -14.48 15.68
CA ILE C 237 -7.23 -14.20 15.80
C ILE C 237 -7.51 -13.06 16.77
N PHE C 238 -6.90 -13.11 17.97
CA PHE C 238 -7.12 -12.08 18.98
C PHE C 238 -5.91 -11.17 19.18
N GLY C 239 -4.88 -11.34 18.35
CA GLY C 239 -3.70 -10.47 18.40
C GLY C 239 -2.51 -11.28 18.82
N SER C 240 -1.51 -11.46 17.95
CA SER C 240 -0.47 -12.44 18.26
C SER C 240 0.36 -12.06 19.49
N LEU C 241 0.67 -10.77 19.69
CA LEU C 241 1.57 -10.39 20.77
C LEU C 241 0.94 -10.72 22.13
N SER C 242 -0.38 -10.64 22.18
CA SER C 242 -1.11 -11.02 23.39
C SER C 242 -1.24 -12.51 23.49
N SER C 243 -1.53 -13.13 22.36
CA SER C 243 -1.79 -14.57 22.29
C SER C 243 -0.58 -15.44 22.63
N ASN C 244 0.60 -14.91 22.30
CA ASN C 244 1.88 -15.60 22.58
C ASN C 244 2.04 -15.98 24.05
N TYR C 245 1.52 -15.13 24.95
CA TYR C 245 1.54 -15.42 26.39
C TYR C 245 0.72 -16.66 26.72
N VAL C 246 -0.53 -16.64 26.25
CA VAL C 246 -1.44 -17.78 26.44
C VAL C 246 -0.87 -19.08 25.86
N LEU C 247 -0.29 -19.01 24.66
CA LEU C 247 0.22 -20.21 24.02
C LEU C 247 1.42 -20.76 24.72
N THR C 248 2.29 -19.90 25.27
CA THR C 248 3.47 -20.39 25.94
C THR C 248 3.04 -21.14 27.19
N LYS C 249 2.10 -20.57 27.92
CA LYS C 249 1.57 -21.28 29.10
C LYS C 249 0.97 -22.64 28.74
N TYR C 250 0.15 -22.65 27.70
CA TYR C 250 -0.54 -23.87 27.21
C TYR C 250 0.43 -24.99 26.80
N PHE C 251 1.46 -24.65 26.02
CA PHE C 251 2.34 -25.70 25.47
C PHE C 251 3.52 -25.99 26.36
N GLN C 252 4.04 -24.99 27.08
CA GLN C 252 5.27 -25.14 27.85
C GLN C 252 5.05 -25.33 29.36
N GLY C 253 3.87 -24.98 29.83
CA GLY C 253 3.42 -25.33 31.18
C GLY C 253 3.87 -24.42 32.32
N TYR C 254 4.36 -23.23 31.98
CA TYR C 254 4.59 -22.21 33.00
C TYR C 254 3.97 -20.90 32.56
N ASP C 255 3.74 -20.03 33.53
CA ASP C 255 3.09 -18.75 33.30
C ASP C 255 4.10 -17.68 32.90
N LEU C 256 3.69 -16.81 31.97
CA LEU C 256 4.51 -15.67 31.58
C LEU C 256 3.84 -14.33 31.93
N GLY C 257 2.96 -14.33 32.93
CA GLY C 257 2.32 -13.07 33.32
C GLY C 257 1.50 -12.41 32.21
N TYR C 258 1.70 -11.11 32.05
CA TYR C 258 0.85 -10.29 31.18
C TYR C 258 1.71 -9.56 30.16
N PRO C 259 1.10 -9.16 29.06
CA PRO C 259 1.71 -8.13 28.19
C PRO C 259 1.57 -6.74 28.80
N ARG C 260 2.12 -5.73 28.14
CA ARG C 260 1.96 -4.37 28.61
C ARG C 260 0.90 -3.61 27.76
N PRO C 261 -0.22 -3.17 28.38
CA PRO C 261 -1.26 -2.37 27.67
C PRO C 261 -0.61 -1.13 27.06
N PRO C 262 -0.95 -0.77 25.82
CA PRO C 262 -2.09 -1.30 25.05
C PRO C 262 -1.95 -2.63 24.33
N ILE C 263 -0.92 -3.42 24.62
CA ILE C 263 -1.01 -4.80 24.21
C ILE C 263 -1.72 -5.48 25.41
N PHE C 264 -3.05 -5.59 25.29
CA PHE C 264 -3.86 -6.04 26.41
C PHE C 264 -3.84 -7.59 26.49
N PRO C 265 -3.90 -8.15 27.70
CA PRO C 265 -4.04 -9.61 27.80
C PRO C 265 -5.35 -10.13 27.22
N LEU C 266 -5.36 -11.37 26.76
CA LEU C 266 -6.60 -12.01 26.34
C LEU C 266 -7.52 -12.16 27.55
N ASP C 267 -8.81 -11.94 27.33
CA ASP C 267 -9.80 -12.22 28.38
C ASP C 267 -10.08 -13.71 28.42
N ASP C 268 -10.88 -14.12 29.40
CA ASP C 268 -11.13 -15.53 29.63
C ASP C 268 -11.73 -16.25 28.44
N GLU C 269 -12.65 -15.60 27.75
CA GLU C 269 -13.34 -16.22 26.65
C GLU C 269 -12.42 -16.29 25.40
N GLU C 270 -11.60 -15.27 25.18
CA GLU C 270 -10.60 -15.31 24.10
C GLU C 270 -9.61 -16.46 24.32
N GLU C 271 -9.13 -16.61 25.56
CA GLU C 271 -8.20 -17.67 25.91
C GLU C 271 -8.87 -19.03 25.67
N ARG C 272 -10.13 -19.17 26.10
CA ARG C 272 -10.86 -20.40 25.85
C ARG C 272 -10.99 -20.72 24.36
N GLN C 273 -11.32 -19.70 23.58
CA GLN C 273 -11.48 -19.87 22.15
C GLN C 273 -10.15 -20.17 21.46
N LEU C 274 -9.06 -19.55 21.92
CA LEU C 274 -7.74 -19.81 21.33
C LEU C 274 -7.34 -21.26 21.62
N ILE C 275 -7.53 -21.70 22.86
CA ILE C 275 -7.10 -23.06 23.22
C ILE C 275 -7.90 -24.07 22.42
N LYS C 276 -9.16 -23.76 22.15
CA LYS C 276 -10.00 -24.64 21.35
C LYS C 276 -9.41 -24.79 19.95
N LYS C 277 -8.83 -23.72 19.43
CA LYS C 277 -8.28 -23.76 18.08
C LYS C 277 -6.99 -24.56 18.00
N VAL C 278 -6.28 -24.70 19.11
CA VAL C 278 -4.99 -25.39 19.08
C VAL C 278 -4.91 -26.72 19.83
N GLU C 279 -5.97 -27.09 20.56
CA GLU C 279 -5.92 -28.31 21.38
C GLU C 279 -5.69 -29.58 20.55
N GLY C 280 -6.31 -29.64 19.36
CA GLY C 280 -6.16 -30.78 18.46
C GLY C 280 -4.74 -30.87 17.89
N ILE C 281 -4.13 -29.71 17.58
CA ILE C 281 -2.72 -29.66 17.20
C ILE C 281 -1.81 -30.13 18.34
N ARG C 282 -2.10 -29.73 19.58
CA ARG C 282 -1.35 -30.22 20.73
C ARG C 282 -1.41 -31.74 20.79
N ALA C 283 -2.61 -32.30 20.68
CA ALA C 283 -2.78 -33.76 20.78
C ALA C 283 -1.91 -34.44 19.72
N LYS C 284 -1.94 -33.89 18.51
CA LYS C 284 -1.19 -34.45 17.39
C LYS C 284 0.33 -34.36 17.62
N LEU C 285 0.80 -33.27 18.21
CA LEU C 285 2.23 -33.14 18.50
C LEU C 285 2.70 -34.13 19.56
N VAL C 286 1.82 -34.47 20.49
CA VAL C 286 2.11 -35.39 21.58
C VAL C 286 2.08 -36.81 21.02
N GLU C 287 1.12 -37.07 20.13
CA GLU C 287 1.05 -38.37 19.47
C GLU C 287 2.30 -38.60 18.60
N LEU C 288 2.80 -37.53 17.99
CA LEU C 288 4.03 -37.54 17.19
C LEU C 288 5.32 -37.54 18.03
N LYS C 289 5.19 -37.51 19.35
CA LYS C 289 6.33 -37.45 20.28
C LYS C 289 7.26 -36.22 20.12
N ILE C 290 6.73 -35.15 19.51
CA ILE C 290 7.47 -33.88 19.41
C ILE C 290 7.33 -33.13 20.72
N LEU C 291 6.12 -33.15 21.27
CA LEU C 291 5.86 -32.68 22.62
C LEU C 291 5.71 -33.86 23.55
N LYS C 292 6.30 -33.76 24.74
CA LYS C 292 6.08 -34.75 25.80
C LYS C 292 4.81 -34.36 26.56
N GLU C 293 3.99 -35.33 26.94
CA GLU C 293 2.83 -34.99 27.79
C GLU C 293 3.07 -35.30 29.27
N PRO D 1 -18.57 25.46 -11.45
CA PRO D 1 -18.23 24.01 -11.64
C PRO D 1 -19.35 23.25 -12.32
N GLU D 2 -18.99 22.08 -12.82
CA GLU D 2 -19.92 21.24 -13.57
C GLU D 2 -20.17 19.92 -12.88
N ILE D 3 -21.32 19.31 -13.16
CA ILE D 3 -21.57 17.89 -12.80
C ILE D 3 -21.55 17.09 -14.07
N ILE D 4 -20.69 16.06 -14.16
CA ILE D 4 -20.57 15.27 -15.36
C ILE D 4 -20.89 13.82 -15.01
N THR D 5 -21.74 13.15 -15.78
CA THR D 5 -22.10 11.76 -15.46
C THR D 5 -21.25 10.81 -16.31
N PRO D 6 -20.55 9.89 -15.65
CA PRO D 6 -19.89 8.80 -16.37
C PRO D 6 -21.00 7.79 -16.58
N ILE D 7 -21.58 7.85 -17.78
CA ILE D 7 -22.85 7.18 -18.00
C ILE D 7 -22.69 5.67 -18.03
N ILE D 8 -23.65 5.01 -17.37
CA ILE D 8 -23.74 3.57 -17.37
C ILE D 8 -24.06 3.08 -18.77
N THR D 9 -23.44 1.95 -19.14
CA THR D 9 -23.78 1.24 -20.40
C THR D 9 -24.75 0.13 -20.08
N PRO D 10 -25.97 0.23 -20.61
CA PRO D 10 -26.95 -0.84 -20.43
C PRO D 10 -26.67 -1.96 -21.44
N PHE D 11 -26.68 -3.20 -20.98
CA PHE D 11 -26.54 -4.35 -21.88
C PHE D 11 -27.86 -5.09 -21.99
N THR D 12 -28.08 -5.70 -23.16
CA THR D 12 -29.25 -6.56 -23.35
C THR D 12 -29.02 -7.95 -22.79
N LYS D 13 -30.06 -8.78 -22.86
CA LYS D 13 -29.94 -10.15 -22.43
C LYS D 13 -28.92 -10.93 -23.27
N ASP D 14 -28.68 -10.51 -24.52
CA ASP D 14 -27.64 -11.19 -25.29
C ASP D 14 -26.27 -10.49 -25.25
N ASN D 15 -26.05 -9.69 -24.20
CA ASN D 15 -24.74 -9.05 -23.95
C ASN D 15 -24.29 -8.08 -25.06
N ARG D 16 -25.25 -7.36 -25.60
CA ARG D 16 -24.98 -6.29 -26.55
C ARG D 16 -25.39 -4.99 -25.88
N ILE D 17 -24.89 -3.87 -26.38
CA ILE D 17 -25.31 -2.58 -25.84
C ILE D 17 -26.79 -2.35 -26.19
N ASP D 18 -27.57 -1.98 -25.19
CA ASP D 18 -29.00 -1.70 -25.35
C ASP D 18 -29.10 -0.22 -25.69
N LYS D 19 -29.06 0.10 -26.97
CA LYS D 19 -29.00 1.49 -27.37
C LYS D 19 -30.23 2.28 -26.95
N GLU D 20 -31.40 1.65 -26.98
CA GLU D 20 -32.61 2.40 -26.67
C GLU D 20 -32.67 2.81 -25.18
N LYS D 21 -32.30 1.89 -24.30
CA LYS D 21 -32.24 2.23 -22.88
C LYS D 21 -31.16 3.29 -22.63
N LEU D 22 -30.04 3.19 -23.33
CA LEU D 22 -28.96 4.20 -23.20
C LEU D 22 -29.48 5.59 -23.54
N LYS D 23 -30.27 5.67 -24.62
CA LYS D 23 -30.80 6.95 -25.04
C LYS D 23 -31.79 7.55 -24.04
N ILE D 24 -32.67 6.71 -23.49
CA ILE D 24 -33.65 7.18 -22.50
C ILE D 24 -32.90 7.77 -21.27
N HIS D 25 -31.86 7.05 -20.85
CA HIS D 25 -31.06 7.46 -19.69
C HIS D 25 -30.34 8.80 -19.96
N ALA D 26 -29.69 8.93 -21.12
CA ALA D 26 -28.96 10.15 -21.47
C ALA D 26 -29.92 11.34 -21.51
N GLU D 27 -31.10 11.13 -22.11
CA GLU D 27 -32.10 12.18 -22.18
C GLU D 27 -32.50 12.61 -20.79
N ASN D 28 -32.72 11.65 -19.90
CA ASN D 28 -33.14 11.98 -18.55
C ASN D 28 -32.06 12.82 -17.83
N LEU D 29 -30.80 12.39 -17.92
CA LEU D 29 -29.72 13.11 -17.25
C LEU D 29 -29.60 14.57 -17.70
N ILE D 30 -29.59 14.79 -19.01
CA ILE D 30 -29.53 16.13 -19.59
C ILE D 30 -30.76 16.94 -19.09
N ARG D 31 -31.93 16.31 -19.12
CA ARG D 31 -33.16 16.99 -18.65
C ARG D 31 -33.09 17.43 -17.18
N LYS D 32 -32.41 16.61 -16.38
CA LYS D 32 -32.25 16.88 -14.94
C LYS D 32 -31.05 17.78 -14.60
N GLY D 33 -30.39 18.32 -15.62
CA GLY D 33 -29.41 19.39 -15.47
C GLY D 33 -27.96 18.95 -15.42
N ILE D 34 -27.72 17.69 -15.76
CA ILE D 34 -26.32 17.23 -15.93
C ILE D 34 -25.63 18.03 -17.03
N ASP D 35 -24.41 18.46 -16.76
CA ASP D 35 -23.68 19.29 -17.74
C ASP D 35 -23.20 18.55 -18.97
N LYS D 36 -22.54 17.40 -18.73
CA LYS D 36 -21.82 16.66 -19.78
C LYS D 36 -21.87 15.18 -19.40
N LEU D 37 -21.68 14.33 -20.41
CA LEU D 37 -21.66 12.88 -20.23
C LEU D 37 -20.27 12.35 -20.62
N PHE D 38 -19.70 11.54 -19.72
CA PHE D 38 -18.38 10.91 -19.92
C PHE D 38 -18.71 9.47 -20.34
N VAL D 39 -18.42 9.14 -21.60
CA VAL D 39 -18.85 7.89 -22.22
C VAL D 39 -17.65 6.91 -22.29
N ASN D 40 -17.92 5.66 -21.90
CA ASN D 40 -16.93 4.58 -21.85
C ASN D 40 -15.97 4.78 -20.69
N GLY D 41 -16.43 5.40 -19.60
CA GLY D 41 -15.60 5.44 -18.39
C GLY D 41 -15.70 4.17 -17.56
N THR D 42 -15.23 4.21 -16.32
CA THR D 42 -15.29 3.01 -15.48
C THR D 42 -16.76 2.58 -15.27
N THR D 43 -17.57 3.57 -14.97
CA THR D 43 -18.96 3.35 -14.61
C THR D 43 -19.69 2.79 -15.80
N GLY D 44 -19.23 3.14 -17.01
CA GLY D 44 -19.77 2.57 -18.26
C GLY D 44 -19.11 1.27 -18.75
N LEU D 45 -18.28 0.71 -17.89
CA LEU D 45 -17.53 -0.51 -18.16
C LEU D 45 -16.67 -0.38 -19.41
N GLY D 46 -16.09 0.80 -19.61
CA GLY D 46 -15.21 1.01 -20.76
C GLY D 46 -14.16 -0.10 -21.00
N PRO D 47 -13.41 -0.54 -19.99
CA PRO D 47 -12.41 -1.59 -20.22
C PRO D 47 -13.02 -2.91 -20.73
N SER D 48 -14.30 -3.08 -20.49
CA SER D 48 -15.02 -4.28 -20.94
C SER D 48 -15.55 -4.19 -22.37
N LEU D 49 -15.41 -3.02 -23.00
CA LEU D 49 -15.99 -2.75 -24.32
C LEU D 49 -14.91 -2.87 -25.38
N SER D 50 -15.22 -3.57 -26.48
CA SER D 50 -14.32 -3.52 -27.64
C SER D 50 -14.32 -2.10 -28.25
N PRO D 51 -13.34 -1.79 -29.08
CA PRO D 51 -13.31 -0.49 -29.76
C PRO D 51 -14.60 -0.25 -30.53
N GLU D 52 -15.14 -1.30 -31.15
CA GLU D 52 -16.40 -1.15 -31.89
C GLU D 52 -17.55 -0.73 -30.96
N GLU D 53 -17.60 -1.34 -29.79
CA GLU D 53 -18.61 -1.01 -28.80
C GLU D 53 -18.41 0.40 -28.21
N LYS D 54 -17.16 0.79 -28.03
CA LYS D 54 -16.89 2.15 -27.56
C LYS D 54 -17.49 3.17 -28.52
N LEU D 55 -17.34 2.89 -29.82
CA LEU D 55 -17.89 3.75 -30.87
C LEU D 55 -19.41 3.71 -30.90
N GLU D 56 -19.97 2.51 -30.79
CA GLU D 56 -21.42 2.34 -30.71
C GLU D 56 -22.04 3.14 -29.55
N ASN D 57 -21.39 3.19 -28.39
CA ASN D 57 -21.84 4.02 -27.28
C ASN D 57 -21.85 5.50 -27.62
N LEU D 58 -20.77 5.96 -28.25
CA LEU D 58 -20.65 7.35 -28.64
C LEU D 58 -21.82 7.71 -29.55
N LYS D 59 -22.04 6.87 -30.57
CA LYS D 59 -23.14 7.13 -31.52
C LYS D 59 -24.51 7.17 -30.87
N ALA D 60 -24.79 6.25 -29.93
CA ALA D 60 -26.10 6.27 -29.27
C ALA D 60 -26.28 7.53 -28.45
N VAL D 61 -25.26 7.91 -27.69
CA VAL D 61 -25.38 9.08 -26.85
C VAL D 61 -25.45 10.38 -27.70
N TYR D 62 -24.72 10.39 -28.81
CA TYR D 62 -24.65 11.57 -29.69
C TYR D 62 -26.01 11.84 -30.33
N ASP D 63 -26.82 10.81 -30.46
CA ASP D 63 -28.21 10.99 -30.91
C ASP D 63 -29.01 11.92 -29.98
N VAL D 64 -28.65 11.91 -28.70
CA VAL D 64 -29.32 12.70 -27.66
C VAL D 64 -28.66 14.07 -27.41
N THR D 65 -27.33 14.11 -27.37
CA THR D 65 -26.62 15.33 -26.98
C THR D 65 -25.23 15.35 -27.55
N ASN D 66 -24.69 16.53 -27.77
CA ASN D 66 -23.27 16.65 -28.10
C ASN D 66 -22.35 16.93 -26.92
N LYS D 67 -22.91 16.92 -25.73
CA LYS D 67 -22.15 17.31 -24.53
C LYS D 67 -21.44 16.08 -23.98
N ILE D 68 -20.52 15.57 -24.79
CA ILE D 68 -19.89 14.24 -24.55
C ILE D 68 -18.39 14.38 -24.43
N ILE D 69 -17.82 13.70 -23.44
CA ILE D 69 -16.36 13.45 -23.47
C ILE D 69 -16.25 11.94 -23.72
N PHE D 70 -15.52 11.57 -24.79
CA PHE D 70 -15.50 10.23 -25.36
C PHE D 70 -14.21 9.53 -24.92
N GLN D 71 -14.34 8.53 -24.03
CA GLN D 71 -13.13 7.83 -23.52
C GLN D 71 -12.77 6.73 -24.52
N VAL D 72 -11.49 6.65 -24.89
CA VAL D 72 -11.06 5.84 -26.03
C VAL D 72 -9.89 4.92 -25.73
N GLY D 73 -9.42 4.94 -24.49
CA GLY D 73 -8.16 4.25 -24.22
C GLY D 73 -8.23 2.74 -24.16
N GLY D 74 -7.04 2.12 -24.22
CA GLY D 74 -6.95 0.69 -23.97
C GLY D 74 -5.55 0.26 -24.28
N LEU D 75 -5.35 -1.04 -24.42
CA LEU D 75 -4.00 -1.60 -24.49
C LEU D 75 -3.53 -1.89 -25.91
N ASN D 76 -4.33 -1.47 -26.88
CA ASN D 76 -3.92 -1.51 -28.27
C ASN D 76 -3.96 -0.06 -28.76
N LEU D 77 -2.79 0.55 -28.79
CA LEU D 77 -2.75 1.99 -29.12
C LEU D 77 -3.33 2.25 -30.51
N ASP D 78 -3.14 1.33 -31.47
CA ASP D 78 -3.73 1.56 -32.79
C ASP D 78 -5.25 1.70 -32.75
N ASP D 79 -5.91 0.91 -31.87
CA ASP D 79 -7.35 1.00 -31.75
C ASP D 79 -7.74 2.34 -31.13
N ALA D 80 -6.98 2.76 -30.11
CA ALA D 80 -7.25 4.01 -29.46
C ALA D 80 -7.07 5.20 -30.44
N ILE D 81 -6.01 5.14 -31.24
CA ILE D 81 -5.82 6.17 -32.30
C ILE D 81 -6.99 6.18 -33.29
N ARG D 82 -7.42 5.01 -33.74
N ARG D 82 -7.44 5.01 -33.74
CA ARG D 82 -8.56 4.92 -34.65
CA ARG D 82 -8.57 4.97 -34.67
C ARG D 82 -9.81 5.60 -34.08
C ARG D 82 -9.83 5.60 -34.08
N LEU D 83 -10.11 5.30 -32.82
CA LEU D 83 -11.28 5.91 -32.16
C LEU D 83 -11.10 7.43 -32.05
N ALA D 84 -9.90 7.87 -31.68
CA ALA D 84 -9.61 9.29 -31.63
C ALA D 84 -9.88 9.95 -32.97
N LYS D 85 -9.37 9.34 -34.05
CA LYS D 85 -9.57 9.91 -35.38
C LYS D 85 -11.05 9.92 -35.81
N LEU D 86 -11.79 8.85 -35.54
CA LEU D 86 -13.21 8.70 -35.90
C LEU D 86 -14.08 9.76 -35.20
N SER D 87 -13.63 10.22 -34.03
CA SER D 87 -14.34 11.28 -33.31
C SER D 87 -14.41 12.60 -34.06
N LYS D 88 -13.63 12.76 -35.12
CA LYS D 88 -13.68 14.00 -35.90
C LYS D 88 -15.09 14.30 -36.45
N ASP D 89 -15.91 13.29 -36.68
CA ASP D 89 -17.24 13.54 -37.26
C ASP D 89 -18.32 13.88 -36.23
N PHE D 90 -17.89 14.11 -34.98
CA PHE D 90 -18.80 14.31 -33.89
C PHE D 90 -18.42 15.62 -33.23
N ASP D 91 -19.40 16.51 -33.05
CA ASP D 91 -19.16 17.84 -32.50
C ASP D 91 -19.25 17.79 -30.97
N ILE D 92 -18.25 17.16 -30.36
CA ILE D 92 -18.33 16.89 -28.94
C ILE D 92 -17.34 17.73 -28.14
N VAL D 93 -17.31 17.47 -26.83
CA VAL D 93 -16.50 18.29 -25.91
C VAL D 93 -15.04 17.90 -25.97
N GLY D 94 -14.81 16.60 -25.98
CA GLY D 94 -13.43 16.12 -25.94
C GLY D 94 -13.34 14.61 -26.04
N ILE D 95 -12.10 14.12 -26.16
CA ILE D 95 -11.85 12.69 -25.93
C ILE D 95 -11.09 12.54 -24.61
N ALA D 96 -11.01 11.31 -24.11
CA ALA D 96 -10.30 11.07 -22.86
C ALA D 96 -9.60 9.71 -22.92
N SER D 97 -8.56 9.54 -22.12
CA SER D 97 -8.06 8.19 -21.87
C SER D 97 -7.59 8.03 -20.45
N TYR D 98 -7.87 6.85 -19.86
CA TYR D 98 -7.09 6.42 -18.71
C TYR D 98 -5.73 5.92 -19.17
N ALA D 99 -4.85 5.75 -18.19
CA ALA D 99 -3.53 5.21 -18.49
C ALA D 99 -3.64 3.74 -18.87
N PRO D 100 -2.70 3.23 -19.67
CA PRO D 100 -2.64 1.79 -19.98
C PRO D 100 -2.67 0.98 -18.70
N TYR D 101 -3.66 0.09 -18.59
CA TYR D 101 -3.87 -0.64 -17.34
C TYR D 101 -3.20 -2.01 -17.33
N TYR D 102 -3.39 -2.72 -16.23
CA TYR D 102 -2.88 -4.07 -15.99
C TYR D 102 -1.35 -4.10 -15.76
N TYR D 103 -0.56 -3.71 -16.75
CA TYR D 103 0.88 -3.98 -16.68
C TYR D 103 1.55 -3.12 -15.61
N PRO D 104 2.15 -3.74 -14.59
CA PRO D 104 2.87 -2.97 -13.57
C PRO D 104 4.18 -2.42 -14.10
N ARG D 105 4.62 -1.35 -13.47
CA ARG D 105 5.97 -0.85 -13.70
C ARG D 105 6.24 -0.44 -15.16
N MET D 106 5.28 0.26 -15.75
CA MET D 106 5.51 0.88 -17.03
C MET D 106 6.35 2.12 -16.81
N SER D 107 7.29 2.36 -17.73
CA SER D 107 8.18 3.51 -17.57
C SER D 107 7.40 4.80 -17.77
N GLU D 108 7.80 5.85 -17.05
CA GLU D 108 7.30 7.21 -17.30
C GLU D 108 7.40 7.60 -18.78
N LYS D 109 8.53 7.32 -19.43
CA LYS D 109 8.64 7.61 -20.86
C LYS D 109 7.58 6.99 -21.73
N HIS D 110 7.29 5.70 -21.51
CA HIS D 110 6.28 5.00 -22.29
C HIS D 110 4.89 5.56 -21.99
N LEU D 111 4.60 5.85 -20.73
CA LEU D 111 3.28 6.43 -20.39
C LEU D 111 3.13 7.80 -21.06
N VAL D 112 4.18 8.61 -20.97
CA VAL D 112 4.15 9.91 -21.64
C VAL D 112 3.95 9.76 -23.16
N LYS D 113 4.61 8.77 -23.77
CA LYS D 113 4.53 8.58 -25.22
C LYS D 113 3.12 8.14 -25.62
N TYR D 114 2.50 7.27 -24.81
CA TYR D 114 1.12 6.88 -25.02
C TYR D 114 0.22 8.12 -25.12
N PHE D 115 0.29 8.99 -24.13
CA PHE D 115 -0.65 10.13 -24.11
C PHE D 115 -0.34 11.15 -25.20
N LYS D 116 0.95 11.41 -25.40
CA LYS D 116 1.30 12.39 -26.44
C LYS D 116 0.85 11.90 -27.81
N THR D 117 0.88 10.57 -28.04
CA THR D 117 0.40 10.01 -29.29
C THR D 117 -1.05 10.30 -29.51
N LEU D 118 -1.85 10.08 -28.48
CA LEU D 118 -3.26 10.42 -28.59
C LEU D 118 -3.45 11.92 -28.83
N CYS D 119 -2.67 12.75 -28.19
CA CYS D 119 -2.86 14.17 -28.41
C CYS D 119 -2.54 14.53 -29.85
N GLU D 120 -1.53 13.89 -30.43
CA GLU D 120 -1.10 14.23 -31.78
C GLU D 120 -2.17 13.95 -32.81
N VAL D 121 -2.98 12.92 -32.57
CA VAL D 121 -3.98 12.53 -33.54
C VAL D 121 -5.37 13.02 -33.19
N SER D 122 -5.54 13.63 -32.02
CA SER D 122 -6.89 14.02 -31.61
C SER D 122 -7.47 15.26 -32.32
N PRO D 123 -8.68 15.15 -32.86
CA PRO D 123 -9.40 16.30 -33.43
C PRO D 123 -10.14 17.13 -32.38
N HIS D 124 -10.03 16.74 -31.10
CA HIS D 124 -10.75 17.41 -30.03
C HIS D 124 -9.82 17.58 -28.82
N PRO D 125 -10.20 18.43 -27.87
CA PRO D 125 -9.46 18.56 -26.61
C PRO D 125 -9.32 17.19 -25.96
N VAL D 126 -8.19 16.93 -25.30
CA VAL D 126 -7.93 15.63 -24.69
C VAL D 126 -7.94 15.76 -23.16
N TYR D 127 -8.61 14.81 -22.52
CA TYR D 127 -8.74 14.80 -21.06
C TYR D 127 -8.02 13.57 -20.50
N LEU D 128 -7.20 13.79 -19.49
CA LEU D 128 -6.58 12.69 -18.74
C LEU D 128 -7.61 12.15 -17.78
N TYR D 129 -7.79 10.83 -17.74
CA TYR D 129 -8.58 10.17 -16.70
C TYR D 129 -7.55 9.47 -15.81
N ASN D 130 -7.29 10.08 -14.66
CA ASN D 130 -6.27 9.52 -13.75
C ASN D 130 -6.94 8.65 -12.69
N TYR D 131 -6.67 7.35 -12.71
CA TYR D 131 -7.33 6.47 -11.73
C TYR D 131 -6.27 5.47 -11.30
N PRO D 132 -5.40 5.84 -10.40
CA PRO D 132 -4.27 4.93 -10.05
C PRO D 132 -4.68 3.57 -9.50
N THR D 133 -5.74 3.49 -8.70
CA THR D 133 -6.12 2.18 -8.13
C THR D 133 -6.53 1.23 -9.25
N ALA D 134 -7.27 1.72 -10.25
CA ALA D 134 -7.70 0.85 -11.32
C ALA D 134 -6.57 0.52 -12.33
N THR D 135 -5.71 1.49 -12.64
CA THR D 135 -4.77 1.29 -13.75
C THR D 135 -3.40 0.87 -13.30
N GLY D 136 -3.13 1.10 -12.02
CA GLY D 136 -1.87 0.70 -11.43
C GLY D 136 -0.78 1.71 -11.62
N LYS D 137 -1.12 2.87 -12.17
CA LYS D 137 -0.13 3.94 -12.19
C LYS D 137 -0.76 5.30 -12.08
N ASP D 138 0.07 6.25 -11.68
CA ASP D 138 -0.35 7.62 -11.41
C ASP D 138 0.24 8.57 -12.43
N ILE D 139 -0.63 9.32 -13.09
CA ILE D 139 -0.19 10.41 -13.94
C ILE D 139 -0.48 11.70 -13.19
N ASP D 140 0.46 12.08 -12.34
CA ASP D 140 0.25 13.22 -11.45
C ASP D 140 0.42 14.57 -12.13
N ALA D 141 0.28 15.62 -11.36
CA ALA D 141 0.31 17.00 -11.91
C ALA D 141 1.60 17.29 -12.68
N LYS D 142 2.72 16.80 -12.16
CA LYS D 142 4.00 16.94 -12.85
C LYS D 142 4.09 16.18 -14.16
N VAL D 143 3.64 14.91 -14.19
CA VAL D 143 3.64 14.15 -15.43
C VAL D 143 2.63 14.76 -16.42
N ALA D 144 1.48 15.23 -15.92
CA ALA D 144 0.52 15.91 -16.79
C ALA D 144 1.12 17.13 -17.46
N LYS D 145 1.89 17.91 -16.69
CA LYS D 145 2.50 19.12 -17.23
C LYS D 145 3.51 18.73 -18.30
N GLU D 146 4.26 17.64 -18.05
N GLU D 146 4.27 17.66 -18.05
CA GLU D 146 5.27 17.12 -18.97
CA GLU D 146 5.26 17.18 -19.01
C GLU D 146 4.64 16.69 -20.30
C GLU D 146 4.58 16.78 -20.31
N ILE D 147 3.47 16.07 -20.19
CA ILE D 147 2.73 15.62 -21.38
C ILE D 147 2.30 16.87 -22.15
N GLY D 148 1.73 17.82 -21.43
CA GLY D 148 1.60 19.19 -21.90
C GLY D 148 0.54 19.48 -22.91
N CYS D 149 -0.43 18.60 -23.06
CA CYS D 149 -1.44 18.73 -24.10
C CYS D 149 -2.83 18.43 -23.56
N PHE D 150 -2.96 18.19 -22.25
CA PHE D 150 -4.32 17.96 -21.73
C PHE D 150 -5.10 19.26 -21.51
N THR D 151 -6.38 19.23 -21.92
CA THR D 151 -7.31 20.32 -21.64
C THR D 151 -7.87 20.16 -20.25
N GLY D 152 -7.94 18.92 -19.78
CA GLY D 152 -8.55 18.70 -18.48
C GLY D 152 -8.11 17.36 -17.93
N VAL D 153 -8.43 17.16 -16.65
CA VAL D 153 -8.16 15.91 -15.92
C VAL D 153 -9.35 15.53 -15.04
N LYS D 154 -9.66 14.24 -15.00
CA LYS D 154 -10.58 13.68 -14.00
C LYS D 154 -9.70 12.85 -13.08
N ASP D 155 -9.63 13.24 -11.81
CA ASP D 155 -8.73 12.56 -10.84
C ASP D 155 -9.58 11.72 -9.87
N THR D 156 -9.46 10.40 -10.00
CA THR D 156 -10.15 9.48 -9.09
C THR D 156 -9.10 8.91 -8.15
N ILE D 157 -9.09 9.42 -6.94
CA ILE D 157 -7.99 9.13 -6.00
C ILE D 157 -8.47 9.56 -4.62
N GLU D 158 -7.99 8.90 -3.57
CA GLU D 158 -8.29 9.35 -2.21
C GLU D 158 -7.24 10.36 -1.71
N ASN D 159 -7.21 11.54 -2.35
CA ASN D 159 -6.13 12.50 -2.06
C ASN D 159 -6.45 13.81 -2.75
N ILE D 160 -7.13 14.70 -2.06
CA ILE D 160 -7.54 15.95 -2.71
C ILE D 160 -6.35 16.88 -2.89
N ILE D 161 -5.29 16.69 -2.09
CA ILE D 161 -4.03 17.44 -2.33
C ILE D 161 -3.50 17.15 -3.74
N HIS D 162 -3.54 15.89 -4.12
CA HIS D 162 -3.12 15.46 -5.43
C HIS D 162 -3.97 16.13 -6.51
N THR D 163 -5.29 16.20 -6.31
CA THR D 163 -6.14 16.87 -7.30
C THR D 163 -5.84 18.38 -7.42
N LEU D 164 -5.74 19.04 -6.25
CA LEU D 164 -5.41 20.48 -6.21
C LEU D 164 -4.08 20.73 -6.90
N ASP D 165 -3.15 19.77 -6.83
CA ASP D 165 -1.82 19.99 -7.46
C ASP D 165 -1.92 20.12 -8.98
N TYR D 166 -2.91 19.49 -9.62
CA TYR D 166 -3.08 19.76 -11.08
C TYR D 166 -3.36 21.25 -11.34
N LYS D 167 -4.18 21.86 -10.50
CA LYS D 167 -4.51 23.30 -10.61
C LYS D 167 -3.27 24.14 -10.34
N ARG D 168 -2.52 23.74 -9.32
CA ARG D 168 -1.33 24.47 -8.91
C ARG D 168 -0.27 24.48 -10.03
N LEU D 169 -0.07 23.35 -10.70
N LEU D 169 -0.04 23.36 -10.69
CA LEU D 169 1.00 23.23 -11.70
CA LEU D 169 1.01 23.30 -11.70
C LEU D 169 0.54 23.44 -13.13
C LEU D 169 0.49 23.70 -13.08
N ASN D 170 -0.79 23.43 -13.34
CA ASN D 170 -1.38 23.60 -14.67
C ASN D 170 -2.60 24.53 -14.54
N PRO D 171 -2.38 25.83 -14.29
CA PRO D 171 -3.49 26.73 -13.94
C PRO D 171 -4.61 26.86 -15.00
N ASN D 172 -4.30 26.61 -16.26
CA ASN D 172 -5.39 26.67 -17.25
C ASN D 172 -6.03 25.33 -17.61
N MET D 173 -5.71 24.28 -16.86
CA MET D 173 -6.36 23.00 -17.03
C MET D 173 -7.72 22.94 -16.28
N LEU D 174 -8.71 22.26 -16.87
CA LEU D 174 -9.94 21.93 -16.14
C LEU D 174 -9.63 20.76 -15.21
N VAL D 175 -9.99 20.90 -13.94
CA VAL D 175 -9.63 19.87 -12.98
C VAL D 175 -10.90 19.40 -12.28
N TYR D 176 -11.26 18.14 -12.53
CA TYR D 176 -12.45 17.51 -11.95
C TYR D 176 -12.06 16.42 -11.00
N SER D 177 -12.87 16.25 -9.96
CA SER D 177 -12.76 15.10 -9.10
C SER D 177 -13.67 14.00 -9.60
N GLY D 178 -13.19 12.76 -9.51
CA GLY D 178 -14.00 11.59 -9.84
C GLY D 178 -14.89 11.09 -8.71
N SER D 179 -15.10 11.88 -7.65
CA SER D 179 -15.79 11.41 -6.44
C SER D 179 -17.17 12.02 -6.29
N ASP D 180 -18.15 11.20 -5.95
CA ASP D 180 -19.47 11.71 -5.59
C ASP D 180 -19.45 12.38 -4.23
N MET D 181 -18.44 12.05 -3.42
CA MET D 181 -18.43 12.48 -2.03
C MET D 181 -17.80 13.85 -1.84
N LEU D 182 -17.29 14.41 -2.92
CA LEU D 182 -16.61 15.70 -2.89
C LEU D 182 -17.31 16.78 -3.71
N ILE D 183 -18.63 16.65 -3.97
CA ILE D 183 -19.26 17.70 -4.77
C ILE D 183 -19.33 19.03 -4.03
N ALA D 184 -19.72 19.01 -2.73
CA ALA D 184 -19.75 20.23 -1.94
C ALA D 184 -18.33 20.83 -1.85
N THR D 185 -17.33 19.98 -1.62
CA THR D 185 -15.98 20.46 -1.38
C THR D 185 -15.34 21.04 -2.66
N VAL D 186 -15.53 20.36 -3.78
CA VAL D 186 -14.99 20.83 -5.04
C VAL D 186 -15.51 22.23 -5.34
N ALA D 187 -16.82 22.42 -5.14
CA ALA D 187 -17.42 23.69 -5.49
C ALA D 187 -16.89 24.77 -4.59
N SER D 188 -16.63 24.42 -3.33
N SER D 188 -16.62 24.41 -3.34
CA SER D 188 -16.20 25.42 -2.35
CA SER D 188 -16.20 25.37 -2.32
C SER D 188 -14.74 25.84 -2.56
C SER D 188 -14.74 25.78 -2.43
N THR D 189 -13.95 24.93 -3.07
CA THR D 189 -12.50 25.11 -3.07
C THR D 189 -11.90 25.50 -4.41
N GLY D 190 -12.74 25.85 -5.38
CA GLY D 190 -12.24 26.41 -6.64
C GLY D 190 -11.86 25.43 -7.75
N LEU D 191 -12.26 24.18 -7.57
CA LEU D 191 -12.07 23.15 -8.59
C LEU D 191 -13.25 23.17 -9.59
N ASP D 192 -13.13 22.43 -10.68
CA ASP D 192 -14.04 22.67 -11.83
C ASP D 192 -15.24 21.76 -11.87
N GLY D 193 -15.32 20.83 -10.93
CA GLY D 193 -16.49 19.95 -10.96
C GLY D 193 -16.16 18.52 -10.65
N ASN D 194 -17.16 17.67 -10.87
CA ASN D 194 -17.09 16.28 -10.40
C ASN D 194 -17.63 15.43 -11.53
N VAL D 195 -16.90 14.36 -11.85
CA VAL D 195 -17.41 13.32 -12.72
C VAL D 195 -17.90 12.24 -11.77
N ALA D 196 -19.22 12.16 -11.60
CA ALA D 196 -19.77 11.51 -10.41
C ALA D 196 -20.64 10.34 -10.79
N ALA D 197 -20.19 9.11 -10.52
CA ALA D 197 -21.00 7.91 -10.86
C ALA D 197 -22.46 7.98 -10.29
N GLY D 198 -22.59 8.50 -9.07
CA GLY D 198 -23.89 8.54 -8.36
C GLY D 198 -24.85 9.47 -9.07
N SER D 199 -24.35 10.31 -9.95
CA SER D 199 -25.25 11.20 -10.72
C SER D 199 -26.07 10.43 -11.76
N ASN D 200 -25.70 9.16 -12.02
CA ASN D 200 -26.54 8.33 -12.90
C ASN D 200 -27.91 8.12 -12.28
N TYR D 201 -27.93 7.88 -10.97
CA TYR D 201 -29.18 7.54 -10.28
C TYR D 201 -29.80 8.65 -9.44
N LEU D 202 -28.97 9.60 -9.01
CA LEU D 202 -29.46 10.75 -8.29
C LEU D 202 -28.92 12.05 -8.88
N PRO D 203 -29.18 12.30 -10.17
CA PRO D 203 -28.73 13.54 -10.78
C PRO D 203 -29.30 14.77 -10.06
N GLU D 204 -30.54 14.69 -9.55
CA GLU D 204 -31.15 15.78 -8.81
C GLU D 204 -30.32 16.17 -7.59
N VAL D 205 -29.81 15.18 -6.89
CA VAL D 205 -29.07 15.44 -5.65
C VAL D 205 -27.74 16.08 -6.00
N THR D 206 -27.05 15.52 -6.99
CA THR D 206 -25.71 16.01 -7.31
C THR D 206 -25.75 17.47 -7.78
N VAL D 207 -26.78 17.79 -8.56
CA VAL D 207 -26.92 19.14 -9.09
C VAL D 207 -27.28 20.13 -7.97
N THR D 208 -28.08 19.67 -7.03
CA THR D 208 -28.51 20.50 -5.92
C THR D 208 -27.38 20.74 -4.92
N ILE D 209 -26.55 19.71 -4.68
CA ILE D 209 -25.38 19.92 -3.81
C ILE D 209 -24.51 21.05 -4.37
N LYS D 210 -24.22 20.95 -5.66
CA LYS D 210 -23.37 21.90 -6.37
C LYS D 210 -23.96 23.29 -6.25
N LYS D 211 -25.27 23.39 -6.45
CA LYS D 211 -25.91 24.72 -6.41
C LYS D 211 -25.83 25.33 -5.00
N LEU D 212 -26.10 24.54 -3.98
CA LEU D 212 -26.05 25.03 -2.59
C LEU D 212 -24.66 25.50 -2.23
N ALA D 213 -23.66 24.73 -2.63
CA ALA D 213 -22.26 25.11 -2.38
C ALA D 213 -21.90 26.43 -3.08
N MET D 214 -22.37 26.57 -4.32
N MET D 214 -22.40 26.58 -4.30
CA MET D 214 -22.11 27.77 -5.10
CA MET D 214 -22.13 27.76 -5.12
C MET D 214 -22.76 28.98 -4.45
C MET D 214 -22.86 29.01 -4.63
N GLU D 215 -23.94 28.79 -3.87
CA GLU D 215 -24.66 29.84 -3.14
C GLU D 215 -24.01 30.16 -1.78
N ARG D 216 -22.90 29.49 -1.48
CA ARG D 216 -22.22 29.54 -0.18
C ARG D 216 -23.05 29.11 1.01
N LYS D 217 -24.02 28.24 0.76
CA LYS D 217 -24.80 27.60 1.80
C LYS D 217 -24.10 26.28 2.14
N ILE D 218 -22.90 26.41 2.72
CA ILE D 218 -22.06 25.23 2.89
C ILE D 218 -22.66 24.20 3.84
N ASP D 219 -23.29 24.66 4.92
N ASP D 219 -23.29 24.67 4.92
CA ASP D 219 -23.86 23.68 5.85
CA ASP D 219 -23.89 23.73 5.86
C ASP D 219 -25.01 22.92 5.18
C ASP D 219 -25.02 22.94 5.21
N GLU D 220 -25.86 23.63 4.44
CA GLU D 220 -26.97 22.97 3.71
C GLU D 220 -26.41 22.04 2.63
N ALA D 221 -25.34 22.48 1.96
CA ALA D 221 -24.68 21.63 0.96
C ALA D 221 -24.12 20.35 1.57
N LEU D 222 -23.46 20.47 2.71
CA LEU D 222 -22.89 19.31 3.39
C LEU D 222 -23.99 18.39 3.88
N LYS D 223 -25.10 18.95 4.39
CA LYS D 223 -26.19 18.12 4.84
C LYS D 223 -26.62 17.19 3.73
N LEU D 224 -26.80 17.77 2.55
CA LEU D 224 -27.27 17.00 1.40
C LEU D 224 -26.16 16.07 0.87
N GLN D 225 -24.92 16.59 0.86
CA GLN D 225 -23.77 15.75 0.49
C GLN D 225 -23.65 14.51 1.38
N PHE D 226 -23.95 14.66 2.68
CA PHE D 226 -23.81 13.55 3.63
C PHE D 226 -24.91 12.49 3.44
N LEU D 227 -26.10 12.91 3.03
CA LEU D 227 -27.14 11.97 2.58
C LEU D 227 -26.71 11.22 1.32
N HIS D 228 -26.18 11.96 0.33
CA HIS D 228 -25.67 11.33 -0.90
C HIS D 228 -24.58 10.32 -0.53
N ASP D 229 -23.71 10.70 0.41
CA ASP D 229 -22.64 9.77 0.84
C ASP D 229 -23.18 8.45 1.35
N GLU D 230 -24.30 8.48 2.04
CA GLU D 230 -24.90 7.26 2.57
C GLU D 230 -25.37 6.33 1.41
N VAL D 231 -25.86 6.92 0.32
CA VAL D 231 -26.27 6.18 -0.85
C VAL D 231 -25.03 5.56 -1.51
N ILE D 232 -23.96 6.35 -1.64
N ILE D 232 -23.96 6.35 -1.64
CA ILE D 232 -22.72 5.81 -2.21
CA ILE D 232 -22.71 5.81 -2.21
C ILE D 232 -22.18 4.62 -1.40
C ILE D 232 -22.18 4.63 -1.39
N GLU D 233 -22.15 4.77 -0.08
CA GLU D 233 -21.68 3.68 0.80
C GLU D 233 -22.53 2.42 0.63
N ALA D 234 -23.84 2.61 0.58
CA ALA D 234 -24.73 1.46 0.35
C ALA D 234 -24.44 0.79 -0.97
N SER D 235 -24.21 1.59 -2.00
CA SER D 235 -23.94 1.03 -3.31
C SER D 235 -22.66 0.19 -3.33
N ARG D 236 -21.73 0.42 -2.40
CA ARG D 236 -20.49 -0.32 -2.40
C ARG D 236 -20.56 -1.69 -1.73
N ILE D 237 -21.59 -1.89 -0.88
CA ILE D 237 -21.72 -3.13 -0.11
C ILE D 237 -21.60 -4.37 -0.98
N PHE D 238 -22.34 -4.40 -2.10
CA PHE D 238 -22.32 -5.55 -2.99
C PHE D 238 -21.53 -5.33 -4.30
N GLY D 239 -20.96 -4.13 -4.44
CA GLY D 239 -20.18 -3.83 -5.64
C GLY D 239 -20.85 -2.66 -6.34
N SER D 240 -20.20 -1.49 -6.38
CA SER D 240 -20.90 -0.31 -6.88
C SER D 240 -21.29 -0.42 -8.34
N LEU D 241 -20.45 -1.02 -9.17
CA LEU D 241 -20.69 -1.01 -10.61
C LEU D 241 -21.98 -1.79 -10.96
N SER D 242 -22.25 -2.83 -10.19
CA SER D 242 -23.50 -3.60 -10.32
C SER D 242 -24.66 -2.87 -9.66
N SER D 243 -24.39 -2.32 -8.46
CA SER D 243 -25.48 -1.66 -7.68
C SER D 243 -26.02 -0.42 -8.40
N ASN D 244 -25.16 0.22 -9.21
CA ASN D 244 -25.56 1.43 -9.96
C ASN D 244 -26.78 1.16 -10.86
N TYR D 245 -26.87 -0.07 -11.38
CA TYR D 245 -28.02 -0.44 -12.23
C TYR D 245 -29.29 -0.46 -11.40
N VAL D 246 -29.21 -1.10 -10.22
CA VAL D 246 -30.35 -1.25 -9.33
C VAL D 246 -30.83 0.11 -8.83
N LEU D 247 -29.87 0.93 -8.41
CA LEU D 247 -30.18 2.28 -7.93
C LEU D 247 -30.78 3.21 -8.98
N THR D 248 -30.36 3.11 -10.26
CA THR D 248 -30.96 3.88 -11.32
C THR D 248 -32.43 3.49 -11.48
N LYS D 249 -32.70 2.18 -11.51
CA LYS D 249 -34.11 1.73 -11.58
C LYS D 249 -34.92 2.29 -10.40
N TYR D 250 -34.37 2.14 -9.20
CA TYR D 250 -35.08 2.50 -7.98
C TYR D 250 -35.40 4.01 -7.90
N PHE D 251 -34.43 4.84 -8.25
CA PHE D 251 -34.64 6.28 -8.09
C PHE D 251 -35.19 6.98 -9.31
N GLN D 252 -34.86 6.53 -10.52
CA GLN D 252 -35.28 7.21 -11.75
C GLN D 252 -36.43 6.48 -12.45
N GLY D 253 -36.70 5.25 -12.02
CA GLY D 253 -37.87 4.51 -12.47
C GLY D 253 -37.80 3.67 -13.74
N TYR D 254 -36.73 3.80 -14.53
CA TYR D 254 -36.57 2.99 -15.74
C TYR D 254 -35.37 2.10 -15.49
N ASP D 255 -35.28 0.99 -16.20
CA ASP D 255 -34.10 0.15 -15.97
C ASP D 255 -33.06 0.33 -17.05
N LEU D 256 -31.84 -0.11 -16.71
CA LEU D 256 -30.70 -0.05 -17.61
C LEU D 256 -30.23 -1.47 -17.92
N GLY D 257 -31.15 -2.43 -17.98
CA GLY D 257 -30.73 -3.74 -18.43
C GLY D 257 -29.80 -4.42 -17.45
N TYR D 258 -28.73 -5.02 -17.98
CA TYR D 258 -27.81 -5.83 -17.19
C TYR D 258 -26.41 -5.25 -17.36
N PRO D 259 -25.55 -5.47 -16.38
CA PRO D 259 -24.12 -5.20 -16.60
C PRO D 259 -23.51 -6.30 -17.46
N ARG D 260 -22.22 -6.21 -17.72
CA ARG D 260 -21.52 -7.27 -18.45
C ARG D 260 -20.63 -8.12 -17.50
N PRO D 261 -20.95 -9.42 -17.28
CA PRO D 261 -20.10 -10.33 -16.48
C PRO D 261 -18.64 -10.31 -16.95
N PRO D 262 -17.65 -10.27 -16.08
CA PRO D 262 -17.74 -10.56 -14.63
C PRO D 262 -18.24 -9.45 -13.69
N ILE D 263 -18.76 -8.35 -14.24
CA ILE D 263 -19.56 -7.44 -13.41
C ILE D 263 -20.97 -8.04 -13.41
N PHE D 264 -21.24 -8.86 -12.41
CA PHE D 264 -22.50 -9.62 -12.38
C PHE D 264 -23.60 -8.79 -11.74
N PRO D 265 -24.85 -8.92 -12.20
CA PRO D 265 -25.96 -8.18 -11.61
C PRO D 265 -26.20 -8.64 -10.18
N LEU D 266 -26.72 -7.74 -9.35
CA LEU D 266 -27.06 -8.14 -8.01
C LEU D 266 -28.16 -9.21 -8.06
N ASP D 267 -28.12 -10.13 -7.09
CA ASP D 267 -29.18 -11.14 -6.98
C ASP D 267 -30.32 -10.57 -6.13
N ASP D 268 -31.42 -11.31 -6.01
CA ASP D 268 -32.59 -10.76 -5.34
C ASP D 268 -32.32 -10.40 -3.88
N GLU D 269 -31.55 -11.25 -3.19
CA GLU D 269 -31.26 -11.00 -1.78
C GLU D 269 -30.43 -9.73 -1.64
N GLU D 270 -29.46 -9.58 -2.52
CA GLU D 270 -28.63 -8.35 -2.49
C GLU D 270 -29.44 -7.11 -2.85
N GLU D 271 -30.31 -7.21 -3.86
CA GLU D 271 -31.17 -6.10 -4.18
C GLU D 271 -32.05 -5.71 -2.96
N ARG D 272 -32.64 -6.71 -2.29
CA ARG D 272 -33.48 -6.39 -1.14
C ARG D 272 -32.71 -5.65 -0.06
N GLN D 273 -31.48 -6.10 0.22
CA GLN D 273 -30.63 -5.47 1.26
C GLN D 273 -30.24 -4.05 0.90
N LEU D 274 -29.92 -3.87 -0.39
CA LEU D 274 -29.59 -2.55 -0.93
C LEU D 274 -30.75 -1.58 -0.78
N ILE D 275 -31.93 -2.01 -1.21
N ILE D 275 -31.94 -2.00 -1.20
CA ILE D 275 -33.12 -1.18 -1.06
CA ILE D 275 -33.11 -1.12 -1.06
C ILE D 275 -33.38 -0.82 0.42
C ILE D 275 -33.44 -0.82 0.43
N LYS D 276 -33.27 -1.79 1.32
CA LYS D 276 -33.48 -1.52 2.73
C LYS D 276 -32.53 -0.41 3.23
N LYS D 277 -31.32 -0.36 2.67
CA LYS D 277 -30.37 0.67 3.09
C LYS D 277 -30.66 2.07 2.57
N VAL D 278 -31.39 2.17 1.45
CA VAL D 278 -31.63 3.45 0.82
C VAL D 278 -33.05 3.97 0.80
N GLU D 279 -34.03 3.16 1.22
CA GLU D 279 -35.42 3.62 1.10
C GLU D 279 -35.74 4.75 2.06
N GLY D 280 -35.07 4.78 3.22
CA GLY D 280 -35.20 5.86 4.19
C GLY D 280 -34.70 7.15 3.58
N ILE D 281 -33.52 7.08 2.95
CA ILE D 281 -32.98 8.23 2.23
C ILE D 281 -33.90 8.70 1.11
N ARG D 282 -34.45 7.77 0.35
CA ARG D 282 -35.39 8.11 -0.70
C ARG D 282 -36.57 8.91 -0.12
N ALA D 283 -37.08 8.44 1.01
CA ALA D 283 -38.17 9.13 1.72
C ALA D 283 -37.79 10.54 2.15
N LYS D 284 -36.59 10.69 2.69
CA LYS D 284 -36.02 11.98 3.09
C LYS D 284 -35.95 12.94 1.89
N LEU D 285 -35.40 12.46 0.76
CA LEU D 285 -35.33 13.30 -0.44
C LEU D 285 -36.68 13.73 -1.01
N VAL D 286 -37.68 12.86 -0.88
CA VAL D 286 -39.02 13.20 -1.33
C VAL D 286 -39.60 14.28 -0.41
N GLU D 287 -39.35 14.14 0.90
CA GLU D 287 -39.80 15.14 1.87
C GLU D 287 -39.15 16.51 1.61
N LEU D 288 -37.87 16.51 1.21
CA LEU D 288 -37.15 17.74 0.89
C LEU D 288 -37.47 18.32 -0.50
N LYS D 289 -38.37 17.66 -1.22
CA LYS D 289 -38.79 18.06 -2.58
C LYS D 289 -37.64 18.04 -3.58
N ILE D 290 -36.64 17.21 -3.32
CA ILE D 290 -35.55 17.02 -4.28
C ILE D 290 -35.94 15.98 -5.33
N LEU D 291 -36.55 14.89 -4.87
CA LEU D 291 -37.19 13.90 -5.75
C LEU D 291 -38.69 14.09 -5.71
N LYS D 292 -39.35 13.95 -6.86
CA LYS D 292 -40.83 14.02 -6.93
C LYS D 292 -41.44 12.74 -6.37
N GLU D 293 -41.08 11.62 -6.98
CA GLU D 293 -41.55 10.29 -6.53
C GLU D 293 -40.45 9.23 -6.74
C PYR E . 3.37 -14.49 -17.23
O PYR E . 4.05 -13.59 -17.78
OXT PYR E . 2.25 -14.78 -17.66
CA PYR E . 3.87 -15.21 -16.06
CB PYR E . 5.23 -14.84 -15.53
C1 GOL F . 6.52 -0.46 -20.54
O1 GOL F . 7.44 0.46 -19.89
C2 GOL F . 6.97 -1.98 -20.31
O2 GOL F . 8.23 -2.42 -20.96
C3 GOL F . 6.91 -2.44 -18.84
O3 GOL F . 7.25 -3.84 -18.68
C1 GOL G . -10.91 -29.62 -15.17
O1 GOL G . -10.76 -30.02 -13.81
C2 GOL G . -12.32 -29.03 -15.42
O2 GOL G . -13.36 -30.05 -15.31
C3 GOL G . -12.54 -27.77 -14.53
O3 GOL G . -13.26 -28.12 -13.34
C PYR H . 1.50 17.34 14.62
O PYR H . 2.64 17.58 14.19
OXT PYR H . 1.31 16.83 15.78
CA PYR H . 0.31 17.59 13.75
CB PYR H . 0.42 18.43 12.50
C1 GOL I . 14.52 12.87 9.17
O1 GOL I . 14.87 12.91 7.77
C2 GOL I . 13.36 13.88 9.48
O2 GOL I . 13.78 15.26 9.28
C3 GOL I . 12.11 13.58 8.60
O3 GOL I . 11.06 14.53 8.87
C1 GOL J . -13.60 13.72 28.49
O1 GOL J . -14.53 12.61 28.37
C2 GOL J . -14.46 14.92 28.02
O2 GOL J . -15.57 14.33 27.39
C3 GOL J . -14.92 15.83 29.17
O3 GOL J . -15.55 17.06 28.69
C PYR K . 10.93 -10.02 16.98
O PYR K . 9.86 -10.30 17.58
OXT PYR K . 11.67 -9.14 17.42
CA PYR K . 11.36 -10.75 15.77
CB PYR K . 10.58 -11.94 15.28
C1 GOL L . 6.67 -11.13 15.67
O1 GOL L . 6.03 -11.01 16.94
C2 GOL L . 6.36 -9.78 15.07
O2 GOL L . 6.65 -10.01 13.64
C3 GOL L . 4.82 -9.67 14.93
O3 GOL L . 4.49 -8.27 14.84
C1 GOL M . -3.00 -5.98 19.87
O1 GOL M . -4.26 -6.53 19.40
C2 GOL M . -1.74 -6.92 19.75
O2 GOL M . -1.91 -7.99 20.74
C3 GOL M . -1.48 -7.41 18.28
O3 GOL M . -0.42 -8.41 18.23
C1 GOL N . 32.71 -9.09 20.68
O1 GOL N . 31.40 -9.52 21.11
C2 GOL N . 33.76 -9.63 21.69
O2 GOL N . 33.25 -10.00 22.98
C3 GOL N . 34.82 -10.63 21.16
O3 GOL N . 35.89 -11.00 22.02
C1 GOL O . 30.48 -4.63 14.73
O1 GOL O . 31.62 -4.93 13.94
C2 GOL O . 30.71 -3.34 15.57
O2 GOL O . 32.11 -2.99 15.66
C3 GOL O . 29.81 -2.36 14.79
O3 GOL O . 30.92 -1.89 13.97
C PYR P . -15.87 6.98 -14.47
O PYR P . -16.62 6.07 -14.06
OXT PYR P . -15.35 6.86 -15.60
CA PYR P . -15.56 8.19 -13.64
CB PYR P . -16.27 8.46 -12.35
C1 GOL Q . -15.62 3.13 -8.99
O1 GOL Q . -14.55 2.41 -9.66
C2 GOL Q . -15.76 4.61 -9.44
O2 GOL Q . -14.49 5.27 -9.54
C3 GOL Q . -16.57 4.83 -10.75
O3 GOL Q . -17.72 3.95 -10.80
C1 GOL R . -18.28 -6.57 -9.10
O1 GOL R . -18.44 -6.88 -7.70
C2 GOL R . -18.83 -5.15 -9.34
O2 GOL R . -20.15 -4.75 -8.89
C3 GOL R . -17.86 -4.17 -8.60
O3 GOL R . -18.07 -2.73 -8.31
#